data_4X3R
#
_entry.id   4X3R
#
_cell.length_a   101.710
_cell.length_b   130.163
_cell.length_c   159.536
_cell.angle_alpha   90.000
_cell.angle_beta   90.000
_cell.angle_gamma   90.000
#
_symmetry.space_group_name_H-M   'I 2 2 2'
#
loop_
_entity.id
_entity.type
_entity.pdbx_description
1 polymer 'Glutamate carboxypeptidase 2'
2 branched 2-acetamido-2-deoxy-beta-D-glucopyranose-(1-4)-2-acetamido-2-deoxy-beta-D-glucopyranose
3 branched beta-D-mannopyranose-(1-4)-2-acetamido-2-deoxy-beta-D-glucopyranose-(1-4)-2-acetamido-2-deoxy-beta-D-glucopyranose
4 branched alpha-D-mannopyranose-(1-3)-beta-D-mannopyranose-(1-4)-2-acetamido-2-deoxy-beta-D-glucopyranose-(1-4)-2-acetamido-2-deoxy-beta-D-glucopyranose
5 non-polymer 'ZINC ION'
6 non-polymer 'CHLORIDE ION'
7 non-polymer 'CALCIUM ION'
8 non-polymer 2-acetamido-2-deoxy-beta-D-glucopyranose
9 non-polymer 'N-({(1S)-5-[(4-bromobenzyl)({6-[4-(4-{4-[4-carboxy-3-(6-hydroxy-3-oxo-3H-xanthen-9-yl)benzoyl]piperazin-1-yl}phenyl)piperazin-1-yl]pyridin-3-yl}carbonyl)amino]-1-carboxypentyl}carbamoyl)-L-glutamic acid'
10 water water
#
_entity_poly.entity_id   1
_entity_poly.type   'polypeptide(L)'
_entity_poly.pdbx_seq_one_letter_code
;RSGLNDIFEAQKIEWHEGSGSGSENLYFQGRSKSSNEATNITPKHNMKAFLDELKAENIKKFLYNFTQIPHLAGTEQNFQ
LAKQIQSQWKEFGLDSVELAHYDVLLSYPNKTHPNYISIINEDGNEIFNTSLFEPPPPGYENVSDIVPPFSAFSPQGMPE
GDLVYVNYARTEDFFKLERDMKINCSGKIVIARYGKVFRGNKVKNAQLAGAKGVILYSDPADYFAPGVKSYPDGWNLPGG
GVQRGNILNLNGAGDPLTPGYPANEYAYRRGIAEAVGLPSIPVHPIGYYDAQKLLEKMGGSAPPDSSWRGSLKVPYNVGP
GFTGNFSTQKVKMHIHSTNEVTRIYNVIGTLRGAVEPDRYVILGGHRDSWVFGGIDPQSGAAVVHEIVRSFGTLKKEGWR
PRRTILFASWDAEEFGLLGSTEWAEENSRLLQERGVAYINADSSIEGNYTLRVDCTPLMYSLVHNLTKELKSPDEGFEGK
SLYESWTKKSPSPEFSGMPRISKLGSGNDFEVFFQRLGIASGRARYTKNWETNKFSGYPLYHSVYETYELVEKFYDPMFK
YHLTVAQVRGGMVFELANSIVLPFDCRDYAVVLRKYADKIYSISMKHPQEMKTYSVSFDSLFSAVKNFTEIASKFSERLQ
DFDKSNPIVLRMMNDQLMFLERAFIDPLGLPDRPFYRHVIYAPSSHNKYAGESFPGIYDALFDIESKVDPSKAWGEVKRQ
IYVAAFTVQAAAETLSEVA
;
_entity_poly.pdbx_strand_id   A
#
loop_
_chem_comp.id
_chem_comp.type
_chem_comp.name
_chem_comp.formula
686 non-polymer 'N-({(1S)-5-[(4-bromobenzyl)({6-[4-(4-{4-[4-carboxy-3-(6-hydroxy-3-oxo-3H-xanthen-9-yl)benzoyl]piperazin-1-yl}phenyl)piperazin-1-yl]pyridin-3-yl}carbonyl)amino]-1-carboxypentyl}carbamoyl)-L-glutamic acid' 'C60 H59 Br N8 O14'
BMA D-saccharide, beta linking beta-D-mannopyranose 'C6 H12 O6'
CA non-polymer 'CALCIUM ION' 'Ca 2'
CL non-polymer 'CHLORIDE ION' 'Cl -1'
MAN D-saccharide, alpha linking alpha-D-mannopyranose 'C6 H12 O6'
NAG D-saccharide, beta linking 2-acetamido-2-deoxy-beta-D-glucopyranose 'C8 H15 N O6'
ZN non-polymer 'ZINC ION' 'Zn 2'
#
# COMPACT_ATOMS: atom_id res chain seq x y z
N LYS A 44 29.85 13.08 -20.10
CA LYS A 44 29.80 11.99 -19.09
C LYS A 44 28.40 11.29 -19.03
N HIS A 45 28.43 10.00 -18.76
CA HIS A 45 27.24 9.26 -18.41
C HIS A 45 27.28 9.16 -16.95
N ASN A 46 26.55 10.05 -16.32
CA ASN A 46 26.49 10.15 -14.90
C ASN A 46 25.04 10.39 -14.55
N MET A 47 24.77 10.66 -13.27
CA MET A 47 23.40 10.77 -12.88
C MET A 47 22.79 11.95 -13.56
N LYS A 48 23.55 13.03 -13.72
CA LYS A 48 22.99 14.22 -14.32
C LYS A 48 22.52 13.98 -15.78
N ALA A 49 23.27 13.16 -16.52
CA ALA A 49 22.87 12.79 -17.86
C ALA A 49 21.56 12.03 -17.82
N PHE A 50 21.48 11.09 -16.93
CA PHE A 50 20.24 10.29 -16.79
C PHE A 50 19.05 11.22 -16.52
N LEU A 51 19.21 12.08 -15.50
CA LEU A 51 18.17 12.97 -15.03
C LEU A 51 17.69 13.96 -16.09
N ASP A 52 18.61 14.53 -16.85
CA ASP A 52 18.31 15.54 -17.85
C ASP A 52 17.54 14.95 -19.06
N GLU A 53 17.73 13.68 -19.35
CA GLU A 53 17.06 13.07 -20.45
C GLU A 53 15.54 12.84 -20.15
N LEU A 54 15.15 12.68 -18.88
CA LEU A 54 13.71 12.62 -18.49
C LEU A 54 12.96 13.90 -18.94
N LYS A 55 11.77 13.75 -19.54
CA LYS A 55 10.96 14.87 -19.98
C LYS A 55 9.56 14.79 -19.52
N ALA A 56 9.03 15.89 -19.03
CA ALA A 56 7.64 15.99 -18.59
C ALA A 56 6.74 15.66 -19.76
N GLU A 57 7.07 16.14 -20.94
CA GLU A 57 6.22 15.95 -22.11
C GLU A 57 6.09 14.47 -22.48
N ASN A 58 7.15 13.67 -22.33
CA ASN A 58 7.01 12.22 -22.56
C ASN A 58 6.09 11.51 -21.57
N ILE A 59 6.22 11.91 -20.30
CA ILE A 59 5.40 11.33 -19.25
C ILE A 59 3.92 11.64 -19.56
N LYS A 60 3.61 12.88 -19.98
CA LYS A 60 2.25 13.24 -20.37
C LYS A 60 1.74 12.39 -21.50
N LYS A 61 2.52 12.27 -22.58
CA LYS A 61 2.15 11.35 -23.68
C LYS A 61 1.90 9.91 -23.27
N PHE A 62 2.77 9.38 -22.45
CA PHE A 62 2.57 8.00 -21.94
C PHE A 62 1.33 7.86 -21.07
N LEU A 63 1.06 8.86 -20.27
CA LEU A 63 -0.11 8.77 -19.43
C LEU A 63 -1.36 8.76 -20.28
N TYR A 64 -1.41 9.66 -21.29
CA TYR A 64 -2.50 9.70 -22.18
C TYR A 64 -2.69 8.31 -22.82
N ASN A 65 -1.60 7.78 -23.31
CA ASN A 65 -1.62 6.47 -23.97
C ASN A 65 -2.15 5.29 -23.14
N PHE A 66 -1.92 5.38 -21.82
CA PHE A 66 -2.23 4.30 -20.95
C PHE A 66 -3.63 4.38 -20.33
N THR A 67 -4.37 5.46 -20.61
CA THR A 67 -5.60 5.75 -19.89
C THR A 67 -6.83 5.95 -20.76
N GLN A 68 -6.73 5.58 -22.02
CA GLN A 68 -7.88 5.76 -22.95
C GLN A 68 -8.96 4.69 -22.80
N ILE A 69 -8.56 3.48 -22.37
CA ILE A 69 -9.50 2.39 -22.10
C ILE A 69 -9.14 1.72 -20.76
N PRO A 70 -10.09 0.97 -20.18
CA PRO A 70 -9.82 0.29 -18.93
C PRO A 70 -8.82 -0.81 -19.10
N HIS A 71 -8.04 -1.04 -18.02
CA HIS A 71 -7.06 -2.12 -18.03
C HIS A 71 -7.18 -3.02 -16.79
N LEU A 72 -8.35 -3.55 -16.58
CA LEU A 72 -8.66 -4.40 -15.47
C LEU A 72 -7.84 -5.66 -15.56
N ALA A 73 -7.28 -6.05 -14.41
CA ALA A 73 -6.55 -7.29 -14.34
C ALA A 73 -7.36 -8.50 -14.85
N GLY A 74 -6.68 -9.29 -15.66
CA GLY A 74 -7.18 -10.50 -16.24
C GLY A 74 -7.98 -10.27 -17.49
N THR A 75 -8.10 -9.04 -17.98
CA THR A 75 -8.90 -8.78 -19.16
C THR A 75 -7.99 -8.69 -20.40
N GLU A 76 -8.57 -8.84 -21.59
CA GLU A 76 -7.77 -8.83 -22.78
C GLU A 76 -7.03 -7.48 -22.96
N GLN A 77 -7.70 -6.39 -22.63
CA GLN A 77 -7.07 -5.11 -22.81
C GLN A 77 -5.83 -4.96 -21.96
N ASN A 78 -5.80 -5.54 -20.76
CA ASN A 78 -4.58 -5.40 -19.96
C ASN A 78 -3.45 -6.31 -20.43
N PHE A 79 -3.80 -7.42 -21.06
CA PHE A 79 -2.82 -8.24 -21.75
C PHE A 79 -2.23 -7.51 -22.96
N GLN A 80 -3.11 -6.88 -23.72
CA GLN A 80 -2.60 -6.05 -24.87
C GLN A 80 -1.65 -4.97 -24.40
N LEU A 81 -1.98 -4.27 -23.33
CA LEU A 81 -1.13 -3.23 -22.87
C LEU A 81 0.21 -3.85 -22.37
N ALA A 82 0.16 -4.99 -21.67
CA ALA A 82 1.41 -5.71 -21.33
C ALA A 82 2.33 -5.94 -22.54
N LYS A 83 1.74 -6.40 -23.63
CA LYS A 83 2.50 -6.63 -24.86
C LYS A 83 3.09 -5.38 -25.47
N GLN A 84 2.31 -4.30 -25.42
CA GLN A 84 2.84 -3.01 -25.86
C GLN A 84 4.05 -2.57 -24.99
N ILE A 85 3.91 -2.68 -23.69
CA ILE A 85 4.97 -2.22 -22.79
C ILE A 85 6.20 -3.08 -23.04
N GLN A 86 6.01 -4.37 -23.17
CA GLN A 86 7.16 -5.25 -23.49
C GLN A 86 7.86 -4.85 -24.78
N SER A 87 7.08 -4.62 -25.82
CA SER A 87 7.70 -4.22 -27.08
C SER A 87 8.40 -2.86 -26.99
N GLN A 88 7.83 -1.91 -26.24
CA GLN A 88 8.45 -0.63 -26.12
C GLN A 88 9.70 -0.64 -25.26
N TRP A 89 9.67 -1.36 -24.16
CA TRP A 89 10.89 -1.54 -23.34
C TRP A 89 12.05 -2.18 -24.13
N LYS A 90 11.74 -3.11 -25.04
CA LYS A 90 12.75 -3.61 -25.95
C LYS A 90 13.29 -2.55 -26.87
N GLU A 91 12.40 -1.77 -27.49
CA GLU A 91 12.81 -0.68 -28.43
C GLU A 91 13.64 0.32 -27.67
N PHE A 92 13.32 0.52 -26.40
CA PHE A 92 13.99 1.52 -25.56
C PHE A 92 15.42 1.09 -25.26
N GLY A 93 15.72 -0.21 -25.38
CA GLY A 93 17.09 -0.74 -25.31
C GLY A 93 17.42 -1.75 -24.23
N LEU A 94 16.42 -2.16 -23.45
CA LEU A 94 16.73 -3.16 -22.43
C LEU A 94 17.28 -4.43 -23.02
N ASP A 95 18.08 -5.16 -22.26
CA ASP A 95 18.68 -6.39 -22.76
C ASP A 95 17.72 -7.52 -22.95
N SER A 96 16.71 -7.62 -22.12
CA SER A 96 15.71 -8.63 -22.33
C SER A 96 14.43 -8.11 -21.68
N VAL A 97 13.28 -8.46 -22.23
CA VAL A 97 12.04 -8.06 -21.69
C VAL A 97 11.10 -9.27 -21.91
N GLU A 98 10.64 -9.84 -20.80
CA GLU A 98 9.77 -11.03 -20.85
C GLU A 98 8.44 -10.83 -20.15
N LEU A 99 7.41 -11.61 -20.55
CA LEU A 99 6.20 -11.69 -19.77
C LEU A 99 6.29 -12.87 -18.80
N ALA A 100 5.92 -12.69 -17.56
CA ALA A 100 5.87 -13.80 -16.60
C ALA A 100 4.40 -13.83 -16.25
N HIS A 101 3.76 -14.95 -16.52
CA HIS A 101 2.33 -15.11 -16.29
C HIS A 101 2.08 -16.11 -15.19
N TYR A 102 0.93 -15.96 -14.56
CA TYR A 102 0.43 -16.78 -13.48
C TYR A 102 -1.06 -16.91 -13.62
N ASP A 103 -1.62 -17.96 -13.05
CA ASP A 103 -3.04 -18.15 -13.03
C ASP A 103 -3.51 -18.07 -11.59
N VAL A 104 -4.18 -16.96 -11.30
CA VAL A 104 -4.52 -16.55 -9.96
C VAL A 104 -6.04 -16.36 -9.76
N LEU A 105 -6.46 -16.38 -8.49
CA LEU A 105 -7.91 -16.12 -8.20
C LEU A 105 -8.20 -14.65 -8.33
N LEU A 106 -9.13 -14.31 -9.22
CA LEU A 106 -9.63 -12.91 -9.41
C LEU A 106 -11.13 -12.96 -9.13
N SER A 107 -11.78 -11.81 -9.19
CA SER A 107 -13.19 -11.65 -8.86
C SER A 107 -13.81 -10.62 -9.79
N TYR A 108 -14.97 -10.94 -10.33
CA TYR A 108 -15.68 -10.03 -11.18
C TYR A 108 -17.19 -10.09 -10.96
N PRO A 109 -17.85 -8.99 -11.18
CA PRO A 109 -19.32 -9.05 -11.16
C PRO A 109 -19.86 -9.89 -12.25
N ASN A 110 -21.12 -10.32 -12.11
CA ASN A 110 -21.79 -10.98 -13.19
C ASN A 110 -22.50 -9.95 -14.08
N LYS A 111 -22.02 -9.86 -15.29
CA LYS A 111 -22.62 -8.97 -16.31
C LYS A 111 -24.10 -9.12 -16.52
N THR A 112 -24.65 -10.28 -16.34
CA THR A 112 -26.09 -10.38 -16.56
C THR A 112 -26.90 -10.48 -15.28
N HIS A 113 -26.29 -10.30 -14.13
CA HIS A 113 -27.02 -10.40 -12.90
C HIS A 113 -26.40 -9.35 -11.96
N PRO A 114 -26.77 -8.08 -12.13
CA PRO A 114 -26.04 -6.96 -11.46
C PRO A 114 -26.15 -6.95 -9.95
N ASN A 115 -25.09 -6.50 -9.30
CA ASN A 115 -25.07 -6.31 -7.83
C ASN A 115 -25.81 -5.01 -7.48
N TYR A 116 -26.57 -5.04 -6.39
CA TYR A 116 -27.24 -3.82 -5.92
C TYR A 116 -27.78 -4.10 -4.52
N ILE A 117 -28.17 -3.01 -3.87
CA ILE A 117 -28.77 -3.05 -2.54
C ILE A 117 -30.15 -2.38 -2.57
N SER A 118 -31.08 -2.91 -1.77
CA SER A 118 -32.41 -2.35 -1.61
C SER A 118 -32.83 -1.98 -0.24
N ILE A 119 -33.81 -1.09 -0.16
CA ILE A 119 -34.63 -1.03 1.03
C ILE A 119 -35.87 -1.72 0.57
N ILE A 120 -36.30 -2.65 1.38
CA ILE A 120 -37.40 -3.51 1.03
C ILE A 120 -38.47 -3.31 2.13
N ASN A 121 -39.73 -3.24 1.76
CA ASN A 121 -40.79 -3.13 2.76
C ASN A 121 -41.28 -4.48 3.25
N GLU A 122 -42.26 -4.46 4.17
CA GLU A 122 -42.77 -5.70 4.79
C GLU A 122 -43.55 -6.58 3.81
N ASP A 123 -44.06 -6.00 2.72
CA ASP A 123 -44.54 -6.79 1.59
C ASP A 123 -43.42 -7.40 0.75
N GLY A 124 -42.17 -7.02 0.97
CA GLY A 124 -41.10 -7.50 0.11
C GLY A 124 -40.91 -6.72 -1.20
N ASN A 125 -41.54 -5.56 -1.32
CA ASN A 125 -41.27 -4.71 -2.48
C ASN A 125 -40.01 -3.88 -2.26
N GLU A 126 -39.25 -3.74 -3.34
CA GLU A 126 -37.99 -3.04 -3.30
C GLU A 126 -38.27 -1.60 -3.60
N ILE A 127 -38.35 -0.78 -2.54
CA ILE A 127 -38.75 0.61 -2.69
C ILE A 127 -37.62 1.55 -3.03
N PHE A 128 -36.39 1.13 -2.81
CA PHE A 128 -35.23 1.95 -3.19
C PHE A 128 -34.12 1.03 -3.60
N ASN A 129 -33.47 1.33 -4.74
CA ASN A 129 -32.37 0.51 -5.22
C ASN A 129 -31.17 1.37 -5.40
N THR A 130 -29.97 0.87 -5.00
CA THR A 130 -28.77 1.63 -5.28
C THR A 130 -28.44 1.53 -6.77
N SER A 131 -27.52 2.35 -7.25
CA SER A 131 -27.18 2.45 -8.70
C SER A 131 -26.48 1.19 -9.23
N LEU A 132 -26.66 0.94 -10.52
CA LEU A 132 -26.06 -0.20 -11.21
C LEU A 132 -24.64 0.15 -11.77
N PHE A 133 -24.29 1.43 -11.83
CA PHE A 133 -23.04 1.86 -12.40
C PHE A 133 -22.88 3.33 -12.05
N GLU A 134 -21.65 3.85 -12.15
CA GLU A 134 -21.35 5.29 -11.94
C GLU A 134 -21.68 6.02 -13.26
N PRO A 135 -22.32 7.17 -13.17
CA PRO A 135 -22.55 7.92 -14.39
C PRO A 135 -21.24 8.21 -15.10
N PRO A 136 -21.09 7.75 -16.36
CA PRO A 136 -19.75 7.90 -16.89
C PRO A 136 -19.37 9.38 -17.16
N PRO A 137 -18.08 9.68 -17.08
CA PRO A 137 -17.69 11.07 -17.30
C PRO A 137 -17.85 11.53 -18.76
N PRO A 138 -17.81 12.84 -18.99
CA PRO A 138 -17.98 13.42 -20.33
C PRO A 138 -17.08 12.83 -21.41
N GLY A 139 -17.68 12.30 -22.46
CA GLY A 139 -16.90 11.79 -23.57
C GLY A 139 -16.46 10.33 -23.49
N TYR A 140 -16.81 9.68 -22.38
CA TYR A 140 -16.56 8.23 -22.08
C TYR A 140 -17.87 7.50 -21.85
N GLU A 141 -18.97 8.20 -22.10
CA GLU A 141 -20.30 7.61 -21.95
C GLU A 141 -20.50 6.41 -22.95
N ASN A 142 -19.61 6.22 -23.93
CA ASN A 142 -19.67 5.03 -24.85
C ASN A 142 -18.49 4.05 -24.72
N VAL A 143 -17.64 4.22 -23.71
CA VAL A 143 -16.62 3.27 -23.47
C VAL A 143 -17.28 2.00 -22.89
N SER A 144 -16.92 0.87 -23.46
CA SER A 144 -17.37 -0.34 -22.86
C SER A 144 -16.31 -0.90 -21.88
N ASP A 145 -16.82 -1.86 -21.15
CA ASP A 145 -16.04 -2.67 -20.32
C ASP A 145 -15.66 -1.85 -19.12
N ILE A 146 -16.46 -0.86 -18.71
CA ILE A 146 -16.19 -0.24 -17.42
C ILE A 146 -16.76 -1.16 -16.35
N VAL A 147 -15.94 -1.73 -15.49
CA VAL A 147 -16.49 -2.59 -14.49
C VAL A 147 -17.32 -1.78 -13.51
N PRO A 148 -18.57 -2.20 -13.24
CA PRO A 148 -19.38 -1.44 -12.27
C PRO A 148 -18.76 -1.53 -10.86
N PRO A 149 -19.08 -0.60 -9.97
CA PRO A 149 -18.53 -0.68 -8.60
C PRO A 149 -18.89 -2.04 -7.97
N PHE A 150 -17.92 -2.64 -7.34
CA PHE A 150 -18.07 -3.84 -6.58
C PHE A 150 -16.94 -4.02 -5.64
N SER A 151 -17.15 -4.91 -4.62
CA SER A 151 -16.08 -5.28 -3.66
C SER A 151 -15.48 -6.60 -4.09
N ALA A 152 -14.26 -6.54 -4.62
CA ALA A 152 -13.66 -7.76 -5.17
C ALA A 152 -13.44 -8.78 -4.06
N PHE A 153 -13.87 -9.97 -4.40
CA PHE A 153 -13.85 -11.22 -3.62
C PHE A 153 -15.00 -11.36 -2.63
N SER A 154 -15.98 -10.49 -2.66
CA SER A 154 -17.21 -10.74 -1.91
C SER A 154 -17.80 -12.09 -2.24
N PRO A 155 -18.22 -12.87 -1.20
CA PRO A 155 -19.03 -14.00 -1.58
C PRO A 155 -20.40 -13.54 -2.09
N GLN A 156 -21.10 -14.47 -2.72
CA GLN A 156 -22.48 -14.26 -3.20
C GLN A 156 -23.47 -14.33 -2.05
N GLY A 157 -24.57 -13.60 -2.17
CA GLY A 157 -25.63 -13.76 -1.17
C GLY A 157 -26.69 -12.69 -1.35
N MET A 158 -27.80 -12.85 -0.68
CA MET A 158 -28.83 -11.85 -0.66
C MET A 158 -29.31 -11.66 0.77
N PRO A 159 -28.41 -11.37 1.70
CA PRO A 159 -28.86 -11.19 3.07
C PRO A 159 -29.81 -9.94 3.22
N GLU A 160 -30.73 -10.05 4.17
CA GLU A 160 -31.75 -9.06 4.46
C GLU A 160 -31.80 -8.84 5.94
N GLY A 161 -31.85 -7.60 6.38
CA GLY A 161 -31.74 -7.34 7.82
C GLY A 161 -31.78 -5.87 8.18
N ASP A 162 -31.55 -5.60 9.46
CA ASP A 162 -31.58 -4.23 9.98
C ASP A 162 -30.16 -3.70 9.89
N LEU A 163 -30.01 -2.43 9.54
CA LEU A 163 -28.72 -1.75 9.52
C LEU A 163 -28.21 -1.34 10.87
N VAL A 164 -26.89 -1.42 11.02
CA VAL A 164 -26.20 -0.73 12.11
C VAL A 164 -25.08 0.08 11.46
N TYR A 165 -24.88 1.31 11.92
CA TYR A 165 -23.87 2.20 11.40
C TYR A 165 -22.69 2.17 12.35
N VAL A 166 -21.51 1.84 11.77
CA VAL A 166 -20.33 1.50 12.50
C VAL A 166 -19.15 2.49 12.27
N ASN A 167 -19.46 3.71 11.83
CA ASN A 167 -18.48 4.72 11.55
C ASN A 167 -17.48 4.15 10.57
N TYR A 168 -16.18 4.22 10.85
CA TYR A 168 -15.17 3.69 9.92
C TYR A 168 -14.88 2.21 10.03
N ALA A 169 -15.64 1.54 10.86
CA ALA A 169 -15.45 0.14 11.10
C ALA A 169 -14.06 -0.27 11.58
N ARG A 170 -13.41 0.63 12.30
CA ARG A 170 -12.14 0.37 12.93
C ARG A 170 -12.33 -0.48 14.16
N THR A 171 -11.26 -1.10 14.56
CA THR A 171 -11.25 -1.86 15.79
C THR A 171 -11.85 -1.05 16.95
N GLU A 172 -11.45 0.18 17.08
CA GLU A 172 -11.99 0.99 18.18
C GLU A 172 -13.47 1.38 17.99
N ASP A 173 -13.93 1.42 16.73
CA ASP A 173 -15.36 1.71 16.47
C ASP A 173 -16.18 0.54 16.98
N PHE A 174 -15.69 -0.68 16.74
CA PHE A 174 -16.37 -1.85 17.26
C PHE A 174 -16.28 -1.98 18.78
N PHE A 175 -15.14 -1.68 19.33
CA PHE A 175 -15.04 -1.57 20.80
C PHE A 175 -16.12 -0.65 21.38
N LYS A 176 -16.21 0.58 20.85
CA LYS A 176 -17.19 1.56 21.30
C LYS A 176 -18.63 1.01 21.21
N LEU A 177 -19.00 0.47 20.07
CA LEU A 177 -20.31 -0.17 19.92
C LEU A 177 -20.61 -1.30 20.89
N GLU A 178 -19.72 -2.29 21.00
CA GLU A 178 -19.99 -3.45 21.81
CA GLU A 178 -19.99 -3.47 21.87
C GLU A 178 -19.78 -3.17 23.33
N ARG A 179 -18.64 -2.59 23.68
CA ARG A 179 -18.26 -2.46 25.09
C ARG A 179 -18.95 -1.29 25.76
N ASP A 180 -18.92 -0.14 25.08
CA ASP A 180 -19.56 1.04 25.62
C ASP A 180 -21.04 1.24 25.26
N MET A 181 -21.46 1.12 24.02
CA MET A 181 -22.86 1.44 23.72
C MET A 181 -23.75 0.22 23.85
N LYS A 182 -23.17 -0.96 24.01
CA LYS A 182 -23.90 -2.20 24.17
C LYS A 182 -24.74 -2.60 22.99
N ILE A 183 -24.26 -2.31 21.78
CA ILE A 183 -24.99 -2.60 20.54
C ILE A 183 -24.38 -3.84 19.93
N ASN A 184 -25.22 -4.81 19.61
CA ASN A 184 -24.78 -6.12 19.15
C ASN A 184 -24.95 -6.12 17.61
N CYS A 185 -23.88 -6.38 16.87
CA CYS A 185 -23.89 -6.45 15.40
C CYS A 185 -24.27 -7.80 14.85
N SER A 186 -24.49 -8.75 15.74
CA SER A 186 -24.65 -10.10 15.28
C SER A 186 -25.91 -10.20 14.41
N GLY A 187 -25.80 -10.80 13.24
CA GLY A 187 -26.94 -10.87 12.31
C GLY A 187 -27.43 -9.55 11.73
N LYS A 188 -26.74 -8.43 11.98
CA LYS A 188 -27.09 -7.15 11.36
C LYS A 188 -26.33 -6.94 10.04
N ILE A 189 -26.88 -6.12 9.15
CA ILE A 189 -26.07 -5.56 8.05
C ILE A 189 -25.39 -4.31 8.54
N VAL A 190 -24.06 -4.22 8.44
CA VAL A 190 -23.41 -3.02 8.87
C VAL A 190 -23.13 -2.07 7.72
N ILE A 191 -23.25 -0.78 7.99
CA ILE A 191 -22.86 0.25 7.01
C ILE A 191 -21.75 1.07 7.59
N ALA A 192 -20.64 1.14 6.84
CA ALA A 192 -19.49 1.83 7.31
C ALA A 192 -19.01 2.83 6.25
N ARG A 193 -18.47 3.96 6.69
CA ARG A 193 -17.82 4.86 5.79
C ARG A 193 -16.38 4.45 5.51
N TYR A 194 -16.02 4.62 4.26
CA TYR A 194 -14.65 4.40 3.87
C TYR A 194 -13.80 5.42 4.55
N GLY A 195 -12.53 5.10 4.67
CA GLY A 195 -11.57 6.08 5.22
C GLY A 195 -10.84 5.53 6.43
N LYS A 196 -9.71 6.13 6.74
CA LYS A 196 -8.87 5.83 7.97
C LYS A 196 -8.05 4.56 7.89
N VAL A 197 -8.72 3.47 7.52
CA VAL A 197 -8.07 2.13 7.44
C VAL A 197 -8.47 1.41 6.15
N PHE A 198 -7.61 0.46 5.78
CA PHE A 198 -7.84 -0.43 4.65
C PHE A 198 -9.19 -1.14 4.78
N ARG A 199 -9.92 -1.17 3.66
CA ARG A 199 -11.26 -1.75 3.69
C ARG A 199 -11.35 -3.25 4.04
N GLY A 200 -10.30 -4.00 3.74
CA GLY A 200 -10.18 -5.36 4.23
C GLY A 200 -10.27 -5.49 5.75
N ASN A 201 -9.62 -4.56 6.45
CA ASN A 201 -9.67 -4.55 7.89
C ASN A 201 -11.07 -4.30 8.38
N LYS A 202 -11.75 -3.36 7.72
CA LYS A 202 -13.16 -3.09 8.07
C LYS A 202 -14.01 -4.36 7.97
N VAL A 203 -13.84 -5.08 6.87
CA VAL A 203 -14.69 -6.22 6.62
C VAL A 203 -14.35 -7.33 7.66
N LYS A 204 -13.07 -7.50 7.92
CA LYS A 204 -12.65 -8.51 8.95
C LYS A 204 -13.25 -8.17 10.27
N ASN A 205 -13.23 -6.89 10.61
CA ASN A 205 -13.77 -6.45 11.90
C ASN A 205 -15.30 -6.62 11.96
N ALA A 206 -15.97 -6.32 10.85
CA ALA A 206 -17.43 -6.51 10.82
C ALA A 206 -17.75 -8.00 10.99
N GLN A 207 -17.03 -8.84 10.25
CA GLN A 207 -17.22 -10.28 10.34
C GLN A 207 -17.07 -10.77 11.76
N LEU A 208 -16.01 -10.37 12.45
CA LEU A 208 -15.78 -10.83 13.81
C LEU A 208 -16.84 -10.34 14.76
N ALA A 209 -17.51 -9.23 14.42
CA ALA A 209 -18.59 -8.73 15.18
C ALA A 209 -19.92 -9.44 14.88
N GLY A 210 -19.92 -10.42 14.00
CA GLY A 210 -21.13 -11.15 13.64
C GLY A 210 -22.00 -10.59 12.54
N ALA A 211 -21.57 -9.53 11.82
CA ALA A 211 -22.37 -8.92 10.79
C ALA A 211 -22.74 -9.98 9.77
N LYS A 212 -23.88 -9.82 9.11
CA LYS A 212 -24.14 -10.68 7.98
C LYS A 212 -23.92 -10.05 6.61
N GLY A 213 -23.51 -8.79 6.59
CA GLY A 213 -23.06 -8.14 5.34
C GLY A 213 -22.56 -6.77 5.64
N VAL A 214 -21.83 -6.20 4.70
CA VAL A 214 -21.24 -4.91 4.87
C VAL A 214 -21.48 -4.02 3.63
N ILE A 215 -21.88 -2.80 3.89
CA ILE A 215 -22.05 -1.77 2.85
C ILE A 215 -21.02 -0.68 3.12
N LEU A 216 -20.13 -0.45 2.17
CA LEU A 216 -19.11 0.60 2.28
C LEU A 216 -19.58 1.82 1.52
N TYR A 217 -19.42 3.04 2.07
CA TYR A 217 -19.74 4.22 1.28
C TYR A 217 -18.73 5.32 1.47
N SER A 218 -18.67 6.23 0.50
CA SER A 218 -17.82 7.41 0.60
C SER A 218 -18.57 8.60 1.17
N ASP A 219 -18.20 9.04 2.36
CA ASP A 219 -18.85 10.18 2.97
C ASP A 219 -18.17 11.47 2.45
N PRO A 220 -18.94 12.51 2.12
CA PRO A 220 -18.29 13.73 1.69
C PRO A 220 -17.36 14.28 2.75
N ALA A 221 -17.62 13.97 4.00
CA ALA A 221 -16.62 14.42 5.00
C ALA A 221 -15.20 13.94 4.72
N ASP A 222 -15.04 12.77 4.10
CA ASP A 222 -13.74 12.19 3.83
C ASP A 222 -13.34 12.27 2.38
N TYR A 223 -14.30 12.47 1.48
CA TYR A 223 -13.99 12.50 0.05
C TYR A 223 -14.50 13.72 -0.72
N PHE A 224 -14.86 14.82 -0.03
CA PHE A 224 -15.23 16.07 -0.74
C PHE A 224 -14.49 17.22 -0.06
N ALA A 225 -13.40 17.69 -0.64
CA ALA A 225 -12.70 18.82 -0.13
C ALA A 225 -13.49 20.16 -0.22
N PRO A 226 -13.60 20.90 0.89
CA PRO A 226 -14.32 22.19 0.90
C PRO A 226 -13.88 23.18 -0.24
N GLY A 227 -14.86 23.79 -0.92
CA GLY A 227 -14.62 24.79 -1.95
C GLY A 227 -14.14 24.26 -3.31
N VAL A 228 -14.15 22.94 -3.50
CA VAL A 228 -13.72 22.38 -4.74
C VAL A 228 -14.95 21.76 -5.41
N LYS A 229 -15.04 21.88 -6.72
CA LYS A 229 -16.16 21.27 -7.45
C LYS A 229 -15.98 19.75 -7.70
N SER A 230 -17.11 19.06 -7.80
CA SER A 230 -17.21 17.68 -8.23
C SER A 230 -16.67 17.54 -9.65
N TYR A 231 -16.08 16.39 -9.95
CA TYR A 231 -15.69 16.06 -11.33
C TYR A 231 -16.94 16.16 -12.20
N PRO A 232 -16.89 16.66 -13.44
CA PRO A 232 -15.68 17.07 -14.21
C PRO A 232 -15.18 18.51 -14.02
N ASP A 233 -15.76 19.24 -13.10
CA ASP A 233 -15.43 20.66 -12.98
C ASP A 233 -14.43 20.87 -11.88
N GLY A 234 -14.07 19.82 -11.12
CA GLY A 234 -13.08 19.91 -10.12
C GLY A 234 -12.65 18.49 -9.81
N TRP A 235 -11.90 18.34 -8.73
CA TRP A 235 -11.34 17.07 -8.43
C TRP A 235 -12.07 16.31 -7.32
N ASN A 236 -13.23 16.80 -6.91
CA ASN A 236 -14.03 16.11 -5.89
C ASN A 236 -14.88 14.96 -6.40
N LEU A 237 -15.33 14.12 -5.47
CA LEU A 237 -16.15 12.96 -5.74
C LEU A 237 -17.60 13.40 -5.83
N PRO A 238 -18.28 13.08 -6.94
CA PRO A 238 -19.68 13.34 -7.01
C PRO A 238 -20.50 12.34 -6.26
N GLY A 239 -21.78 12.63 -6.06
CA GLY A 239 -22.59 11.75 -5.18
C GLY A 239 -22.88 10.39 -5.80
N GLY A 240 -22.68 10.26 -7.11
CA GLY A 240 -22.86 8.98 -7.80
C GLY A 240 -21.57 8.20 -7.96
N GLY A 241 -20.46 8.80 -7.50
CA GLY A 241 -19.16 8.20 -7.57
C GLY A 241 -19.00 7.11 -6.53
N VAL A 242 -18.21 6.10 -6.86
CA VAL A 242 -18.03 4.93 -5.99
C VAL A 242 -16.57 4.42 -6.10
N GLN A 243 -16.00 4.14 -4.93
CA GLN A 243 -14.69 3.53 -4.77
C GLN A 243 -14.73 2.03 -4.82
N ARG A 244 -14.16 1.49 -5.89
CA ARG A 244 -13.88 0.04 -6.00
C ARG A 244 -12.75 -0.36 -5.09
N GLY A 245 -12.65 -1.66 -4.86
CA GLY A 245 -11.48 -2.22 -4.17
C GLY A 245 -11.68 -3.58 -3.53
N ASN A 246 -10.59 -4.37 -3.45
CA ASN A 246 -10.71 -5.68 -2.89
C ASN A 246 -10.80 -5.59 -1.39
N ILE A 247 -11.39 -6.65 -0.81
CA ILE A 247 -11.66 -6.74 0.60
C ILE A 247 -11.03 -7.96 1.26
N LEU A 248 -9.92 -8.40 0.70
CA LEU A 248 -9.17 -9.52 1.26
C LEU A 248 -8.42 -9.17 2.50
N ASN A 249 -8.10 -10.24 3.24
CA ASN A 249 -7.09 -10.14 4.28
C ASN A 249 -6.01 -11.19 4.06
N LEU A 250 -5.14 -10.91 3.13
CA LEU A 250 -4.17 -11.87 2.72
C LEU A 250 -2.95 -11.95 3.68
N ASN A 251 -2.64 -10.87 4.41
CA ASN A 251 -1.41 -10.87 5.28
C ASN A 251 -0.13 -11.30 4.55
N GLY A 252 -0.06 -10.85 3.30
CA GLY A 252 1.15 -11.14 2.52
C GLY A 252 1.15 -12.40 1.67
N ALA A 253 0.07 -13.16 1.68
CA ALA A 253 0.07 -14.46 1.01
C ALA A 253 0.16 -14.47 -0.52
N GLY A 254 -0.25 -13.42 -1.18
CA GLY A 254 -0.43 -13.45 -2.64
C GLY A 254 -1.71 -14.13 -3.11
N ASP A 255 -1.66 -14.84 -4.22
CA ASP A 255 -2.83 -15.58 -4.73
C ASP A 255 -3.46 -16.40 -3.59
N PRO A 256 -4.73 -16.23 -3.34
CA PRO A 256 -5.34 -16.94 -2.21
C PRO A 256 -5.19 -18.44 -2.27
N LEU A 257 -5.05 -18.98 -3.48
CA LEU A 257 -5.05 -20.44 -3.69
C LEU A 257 -3.68 -21.08 -3.57
N THR A 258 -2.60 -20.31 -3.58
CA THR A 258 -1.22 -20.89 -3.70
C THR A 258 -0.18 -20.28 -2.74
N PRO A 259 -0.55 -20.07 -1.47
CA PRO A 259 0.40 -19.40 -0.57
C PRO A 259 1.72 -20.14 -0.43
N GLY A 260 2.80 -19.41 -0.60
CA GLY A 260 4.15 -19.95 -0.54
C GLY A 260 4.81 -20.22 -1.88
N TYR A 261 4.02 -20.42 -2.94
CA TYR A 261 4.52 -21.01 -4.19
C TYR A 261 3.91 -20.28 -5.40
N PRO A 262 4.66 -20.14 -6.49
CA PRO A 262 4.04 -19.47 -7.59
C PRO A 262 2.90 -20.21 -8.25
N ALA A 263 1.92 -19.43 -8.71
CA ALA A 263 0.73 -19.99 -9.37
C ALA A 263 0.98 -20.30 -10.85
N ASN A 264 1.87 -21.24 -11.06
CA ASN A 264 2.33 -21.58 -12.35
C ASN A 264 1.40 -22.63 -12.94
N GLU A 265 1.82 -23.25 -14.03
CA GLU A 265 0.93 -24.16 -14.78
C GLU A 265 0.65 -25.46 -14.06
N TYR A 266 1.54 -25.91 -13.16
CA TYR A 266 1.29 -27.21 -12.46
C TYR A 266 0.94 -27.05 -11.02
N ALA A 267 0.67 -25.82 -10.59
CA ALA A 267 0.50 -25.55 -9.19
C ALA A 267 -0.68 -26.30 -8.65
N TYR A 268 -0.55 -26.74 -7.41
CA TYR A 268 -1.64 -27.40 -6.74
C TYR A 268 -2.33 -26.29 -5.96
N ARG A 269 -3.60 -26.18 -6.14
CA ARG A 269 -4.43 -25.05 -5.60
C ARG A 269 -5.24 -25.54 -4.47
N ARG A 270 -5.27 -24.77 -3.42
CA ARG A 270 -6.25 -25.02 -2.38
C ARG A 270 -7.66 -24.98 -2.90
N GLY A 271 -8.55 -25.73 -2.27
CA GLY A 271 -9.95 -25.47 -2.54
C GLY A 271 -10.40 -24.14 -1.96
N ILE A 272 -11.49 -23.60 -2.49
CA ILE A 272 -12.00 -22.28 -2.10
C ILE A 272 -12.17 -22.17 -0.64
N ALA A 273 -12.67 -23.21 -0.04
CA ALA A 273 -12.93 -23.18 1.42
C ALA A 273 -11.66 -23.08 2.21
N GLU A 274 -10.49 -23.49 1.68
CA GLU A 274 -9.23 -23.29 2.39
C GLU A 274 -8.40 -22.10 1.85
N ALA A 275 -8.96 -21.31 0.96
CA ALA A 275 -8.23 -20.19 0.39
C ALA A 275 -7.86 -19.17 1.50
N VAL A 276 -6.83 -18.38 1.23
CA VAL A 276 -6.37 -17.40 2.17
C VAL A 276 -7.14 -16.12 2.01
N GLY A 277 -7.73 -15.64 3.09
CA GLY A 277 -8.09 -14.20 3.09
C GLY A 277 -9.44 -13.77 2.58
N LEU A 278 -10.27 -14.71 2.16
CA LEU A 278 -11.56 -14.36 1.58
C LEU A 278 -12.54 -13.98 2.66
N PRO A 279 -13.39 -13.03 2.37
CA PRO A 279 -14.45 -12.68 3.34
C PRO A 279 -15.55 -13.70 3.32
N SER A 280 -16.27 -13.78 4.41
CA SER A 280 -17.29 -14.77 4.55
C SER A 280 -18.68 -14.13 4.46
N ILE A 281 -18.78 -12.82 4.38
CA ILE A 281 -20.08 -12.15 4.22
C ILE A 281 -20.07 -11.22 3.02
N PRO A 282 -21.25 -11.03 2.41
CA PRO A 282 -21.27 -10.14 1.25
C PRO A 282 -20.95 -8.68 1.55
N VAL A 283 -20.35 -7.98 0.57
CA VAL A 283 -19.91 -6.61 0.76
C VAL A 283 -20.11 -5.88 -0.57
N HIS A 284 -20.49 -4.60 -0.46
CA HIS A 284 -20.73 -3.79 -1.67
C HIS A 284 -20.52 -2.32 -1.35
N PRO A 285 -19.92 -1.55 -2.28
CA PRO A 285 -19.63 -0.16 -2.04
C PRO A 285 -20.65 0.70 -2.82
N ILE A 286 -21.00 1.86 -2.27
CA ILE A 286 -21.92 2.84 -2.80
C ILE A 286 -21.39 4.27 -2.62
N GLY A 287 -22.04 5.19 -3.35
CA GLY A 287 -21.75 6.60 -3.26
C GLY A 287 -22.61 7.27 -2.28
N TYR A 288 -22.36 8.55 -2.07
CA TYR A 288 -23.09 9.22 -1.01
C TYR A 288 -24.53 9.65 -1.32
N TYR A 289 -24.94 9.81 -2.59
CA TYR A 289 -26.38 9.92 -2.85
C TYR A 289 -27.11 8.68 -2.37
N ASP A 290 -26.61 7.49 -2.67
CA ASP A 290 -27.30 6.24 -2.24
C ASP A 290 -27.15 6.02 -0.75
N ALA A 291 -25.99 6.34 -0.19
CA ALA A 291 -25.82 6.21 1.27
C ALA A 291 -26.81 7.07 2.04
N GLN A 292 -27.02 8.28 1.58
CA GLN A 292 -28.00 9.13 2.24
C GLN A 292 -29.39 8.48 2.36
N LYS A 293 -29.83 7.84 1.29
CA LYS A 293 -31.11 7.20 1.26
C LYS A 293 -31.13 6.03 2.25
N LEU A 294 -30.00 5.36 2.42
CA LEU A 294 -29.92 4.28 3.42
C LEU A 294 -29.77 4.77 4.87
N LEU A 295 -29.14 5.92 5.07
CA LEU A 295 -28.87 6.40 6.43
C LEU A 295 -30.03 7.28 6.97
N GLU A 296 -30.78 7.90 6.07
CA GLU A 296 -31.71 8.94 6.54
C GLU A 296 -32.79 8.40 7.46
N LYS A 297 -33.17 7.16 7.31
CA LYS A 297 -34.23 6.58 8.14
C LYS A 297 -33.71 5.94 9.42
N MET A 298 -32.40 5.93 9.63
CA MET A 298 -31.86 5.18 10.78
C MET A 298 -32.32 5.71 12.17
N GLY A 299 -32.64 4.77 13.05
CA GLY A 299 -33.09 5.10 14.39
C GLY A 299 -32.15 4.49 15.40
N GLY A 300 -32.73 3.99 16.49
CA GLY A 300 -31.94 3.44 17.59
C GLY A 300 -31.15 4.55 18.26
N SER A 301 -29.94 4.22 18.65
CA SER A 301 -29.11 5.15 19.43
C SER A 301 -28.52 6.24 18.60
N ALA A 302 -28.38 7.38 19.23
CA ALA A 302 -27.68 8.48 18.63
C ALA A 302 -26.21 8.14 18.47
N PRO A 303 -25.51 8.87 17.58
CA PRO A 303 -24.06 8.71 17.49
C PRO A 303 -23.45 9.05 18.84
N PRO A 304 -22.35 8.39 19.23
CA PRO A 304 -21.88 8.58 20.59
C PRO A 304 -21.19 9.93 20.75
N ASP A 305 -20.81 10.52 19.62
CA ASP A 305 -20.14 11.80 19.63
C ASP A 305 -19.86 12.23 18.22
N SER A 306 -19.32 13.44 18.07
CA SER A 306 -19.24 14.06 16.79
C SER A 306 -18.22 13.38 15.87
N SER A 307 -17.23 12.65 16.39
CA SER A 307 -16.29 11.90 15.52
C SER A 307 -16.99 10.78 14.74
N TRP A 308 -18.24 10.49 15.07
CA TRP A 308 -19.08 9.54 14.32
C TRP A 308 -19.98 10.15 13.20
N ARG A 309 -20.08 11.50 13.14
CA ARG A 309 -20.94 12.16 12.19
C ARG A 309 -20.10 12.61 11.01
N GLY A 310 -20.49 12.18 9.82
CA GLY A 310 -19.95 12.69 8.55
C GLY A 310 -20.66 13.97 8.17
N SER A 311 -20.77 14.29 6.88
CA SER A 311 -21.34 15.61 6.46
C SER A 311 -22.67 15.55 5.79
N LEU A 312 -23.28 14.41 5.63
CA LEU A 312 -24.58 14.35 5.03
C LEU A 312 -25.60 14.87 6.03
N LYS A 313 -26.75 15.20 5.51
CA LYS A 313 -27.81 15.75 6.34
C LYS A 313 -28.65 14.62 6.89
N VAL A 314 -28.07 13.88 7.81
CA VAL A 314 -28.72 12.76 8.44
C VAL A 314 -28.18 12.77 9.88
N PRO A 315 -28.88 12.10 10.79
CA PRO A 315 -28.43 12.12 12.19
C PRO A 315 -27.23 11.24 12.46
N TYR A 316 -26.86 10.30 11.58
CA TYR A 316 -25.84 9.33 11.92
C TYR A 316 -26.16 8.45 13.12
N ASN A 317 -27.45 8.17 13.28
CA ASN A 317 -27.83 7.22 14.25
C ASN A 317 -27.19 5.89 13.96
N VAL A 318 -26.80 5.23 15.04
CA VAL A 318 -26.11 3.96 14.99
C VAL A 318 -27.08 2.80 14.70
N GLY A 319 -28.34 2.95 15.05
CA GLY A 319 -29.27 1.85 14.85
C GLY A 319 -29.38 1.02 16.11
N PRO A 320 -29.68 -0.25 15.98
CA PRO A 320 -30.01 -0.92 14.74
C PRO A 320 -31.36 -0.59 14.18
N GLY A 321 -31.52 -0.70 12.86
CA GLY A 321 -32.85 -0.51 12.24
C GLY A 321 -33.25 0.94 12.05
N PHE A 322 -34.46 1.11 11.51
CA PHE A 322 -34.99 2.41 11.11
C PHE A 322 -35.93 2.96 12.18
N THR A 323 -36.25 4.26 12.13
CA THR A 323 -37.19 4.88 13.10
C THR A 323 -38.62 4.34 12.95
N GLY A 324 -39.44 4.60 13.98
CA GLY A 324 -40.80 4.07 14.08
C GLY A 324 -41.58 3.86 12.83
N ASN A 325 -41.81 4.90 12.04
CA ASN A 325 -42.61 4.71 10.81
C ASN A 325 -42.09 3.62 9.90
N PHE A 326 -40.76 3.51 9.84
CA PHE A 326 -40.09 2.68 8.85
C PHE A 326 -39.48 1.43 9.45
N SER A 327 -39.98 1.04 10.62
CA SER A 327 -39.25 0.04 11.39
C SER A 327 -39.48 -1.37 10.90
N THR A 328 -40.49 -1.58 10.06
CA THR A 328 -40.69 -2.88 9.46
C THR A 328 -40.00 -2.97 8.10
N GLN A 329 -39.40 -1.88 7.63
CA GLN A 329 -38.58 -1.95 6.39
C GLN A 329 -37.24 -2.57 6.70
N LYS A 330 -36.52 -3.02 5.68
CA LYS A 330 -35.22 -3.64 5.93
C LYS A 330 -34.33 -3.37 4.74
N VAL A 331 -33.04 -3.73 4.89
CA VAL A 331 -32.06 -3.58 3.83
C VAL A 331 -31.70 -4.97 3.26
N LYS A 332 -31.62 -5.09 1.95
CA LYS A 332 -31.33 -6.35 1.31
C LYS A 332 -30.23 -6.14 0.30
N MET A 333 -29.18 -6.94 0.39
CA MET A 333 -28.08 -6.93 -0.55
C MET A 333 -28.34 -8.00 -1.62
N HIS A 334 -27.85 -7.78 -2.83
CA HIS A 334 -27.88 -8.76 -3.87
C HIS A 334 -26.51 -8.79 -4.51
N ILE A 335 -25.74 -9.80 -4.17
CA ILE A 335 -24.37 -9.93 -4.65
C ILE A 335 -24.22 -11.25 -5.37
N HIS A 336 -23.73 -11.17 -6.61
CA HIS A 336 -23.64 -12.32 -7.53
C HIS A 336 -22.28 -12.44 -8.21
N SER A 337 -21.27 -11.74 -7.69
CA SER A 337 -19.92 -11.74 -8.26
C SER A 337 -19.35 -13.13 -8.14
N THR A 338 -18.40 -13.48 -9.02
CA THR A 338 -17.75 -14.80 -8.97
C THR A 338 -16.27 -14.68 -8.88
N ASN A 339 -15.66 -15.59 -8.13
CA ASN A 339 -14.23 -15.69 -8.04
C ASN A 339 -13.80 -16.68 -9.13
N GLU A 340 -12.77 -16.38 -9.91
CA GLU A 340 -12.37 -17.24 -11.01
C GLU A 340 -10.88 -17.16 -11.24
N VAL A 341 -10.27 -18.31 -11.40
CA VAL A 341 -8.85 -18.36 -11.66
C VAL A 341 -8.61 -17.82 -13.07
N THR A 342 -7.74 -16.84 -13.18
CA THR A 342 -7.61 -16.04 -14.39
C THR A 342 -6.13 -15.75 -14.65
N ARG A 343 -5.71 -15.72 -15.92
CA ARG A 343 -4.26 -15.49 -16.18
C ARG A 343 -3.91 -14.00 -16.07
N ILE A 344 -2.73 -13.73 -15.51
CA ILE A 344 -2.21 -12.38 -15.30
C ILE A 344 -0.80 -12.37 -15.88
N TYR A 345 -0.35 -11.18 -16.22
CA TYR A 345 0.91 -10.98 -16.92
C TYR A 345 1.77 -9.87 -16.35
N ASN A 346 2.92 -10.22 -15.78
CA ASN A 346 3.93 -9.20 -15.43
C ASN A 346 4.86 -8.97 -16.62
N VAL A 347 5.30 -7.73 -16.80
CA VAL A 347 6.38 -7.50 -17.72
C VAL A 347 7.66 -7.32 -16.89
N ILE A 348 8.72 -8.04 -17.25
CA ILE A 348 10.03 -7.99 -16.55
C ILE A 348 11.15 -7.64 -17.51
N GLY A 349 11.69 -6.42 -17.36
CA GLY A 349 12.80 -5.92 -18.17
C GLY A 349 14.12 -5.94 -17.43
N THR A 350 15.20 -6.28 -18.11
CA THR A 350 16.48 -6.41 -17.48
C THR A 350 17.45 -5.53 -18.17
N LEU A 351 18.21 -4.76 -17.40
CA LEU A 351 19.35 -4.01 -17.92
C LEU A 351 20.58 -4.56 -17.14
N ARG A 352 21.31 -5.43 -17.78
CA ARG A 352 22.43 -6.14 -17.15
CA ARG A 352 22.44 -6.15 -17.16
C ARG A 352 23.55 -5.21 -16.66
N GLY A 353 24.01 -5.42 -15.43
CA GLY A 353 25.10 -4.66 -14.83
C GLY A 353 26.44 -5.06 -15.44
N ALA A 354 27.29 -4.06 -15.57
CA ALA A 354 28.62 -4.21 -16.13
C ALA A 354 29.57 -4.84 -15.18
N VAL A 355 29.41 -4.64 -13.88
CA VAL A 355 30.44 -5.13 -12.94
C VAL A 355 29.85 -6.14 -11.93
N GLU A 356 28.64 -5.87 -11.43
CA GLU A 356 27.94 -6.77 -10.56
C GLU A 356 26.60 -7.16 -11.11
N PRO A 357 26.57 -7.97 -12.20
CA PRO A 357 25.31 -8.34 -12.82
C PRO A 357 24.47 -9.20 -11.93
N ASP A 358 25.07 -9.83 -10.92
CA ASP A 358 24.34 -10.65 -9.93
C ASP A 358 23.83 -9.84 -8.72
N ARG A 359 23.69 -8.53 -8.85
CA ARG A 359 23.12 -7.71 -7.82
C ARG A 359 21.99 -6.97 -8.52
N TYR A 360 20.82 -7.01 -7.89
CA TYR A 360 19.60 -6.49 -8.52
C TYR A 360 19.03 -5.32 -7.80
N VAL A 361 18.87 -4.24 -8.56
CA VAL A 361 18.11 -3.03 -8.15
C VAL A 361 16.79 -3.05 -8.97
N ILE A 362 15.66 -3.07 -8.25
CA ILE A 362 14.35 -3.27 -8.89
C ILE A 362 13.52 -2.01 -8.81
N LEU A 363 13.00 -1.56 -9.94
CA LEU A 363 11.99 -0.56 -9.99
C LEU A 363 10.73 -1.22 -10.46
N GLY A 364 9.69 -1.25 -9.59
CA GLY A 364 8.46 -1.94 -10.00
C GLY A 364 7.21 -1.18 -9.64
N GLY A 365 6.17 -1.31 -10.48
CA GLY A 365 4.91 -0.71 -10.19
C GLY A 365 3.89 -1.41 -11.04
N HIS A 366 2.63 -1.31 -10.66
CA HIS A 366 1.62 -2.06 -11.35
C HIS A 366 1.00 -1.30 -12.52
N ARG A 367 0.32 -2.08 -13.37
CA ARG A 367 -0.26 -1.64 -14.65
C ARG A 367 -1.76 -1.86 -14.71
N ASP A 368 -2.24 -2.90 -13.99
CA ASP A 368 -3.73 -3.11 -13.83
C ASP A 368 -4.38 -1.97 -13.10
N SER A 369 -5.57 -1.60 -13.60
CA SER A 369 -6.37 -0.51 -13.04
C SER A 369 -7.79 -0.98 -12.77
N TRP A 370 -8.51 -0.24 -11.91
CA TRP A 370 -9.90 -0.56 -11.72
C TRP A 370 -10.74 -0.10 -12.93
N VAL A 371 -10.54 1.11 -13.41
CA VAL A 371 -11.11 1.55 -14.68
C VAL A 371 -9.98 2.20 -15.48
N PHE A 372 -9.94 3.53 -15.60
CA PHE A 372 -8.94 4.12 -16.53
C PHE A 372 -7.56 4.27 -15.90
N GLY A 373 -7.53 4.35 -14.58
CA GLY A 373 -6.25 4.44 -13.89
C GLY A 373 -5.45 5.73 -14.08
N GLY A 374 -6.16 6.86 -14.29
CA GLY A 374 -5.55 8.17 -14.58
C GLY A 374 -4.45 8.49 -13.57
N ILE A 375 -4.74 8.26 -12.29
CA ILE A 375 -3.75 8.41 -11.26
C ILE A 375 -3.25 7.03 -10.92
N ASP A 376 -4.15 6.16 -10.50
CA ASP A 376 -3.78 4.88 -9.95
C ASP A 376 -3.99 3.75 -11.00
N PRO A 377 -2.96 3.19 -11.67
CA PRO A 377 -1.50 3.39 -11.41
C PRO A 377 -0.80 4.14 -12.52
N GLN A 378 -1.52 4.59 -13.56
CA GLN A 378 -0.82 5.00 -14.76
C GLN A 378 0.03 6.27 -14.60
N SER A 379 -0.26 7.10 -13.61
CA SER A 379 0.61 8.24 -13.37
C SER A 379 1.99 7.70 -12.91
N GLY A 380 1.99 6.56 -12.22
CA GLY A 380 3.24 5.85 -11.87
C GLY A 380 3.84 5.12 -13.01
N ALA A 381 3.06 4.35 -13.76
CA ALA A 381 3.57 3.58 -14.87
C ALA A 381 4.17 4.44 -15.97
N ALA A 382 3.61 5.63 -16.20
CA ALA A 382 4.14 6.53 -17.21
C ALA A 382 5.54 7.05 -16.83
N VAL A 383 5.71 7.27 -15.55
CA VAL A 383 7.00 7.69 -14.97
C VAL A 383 8.00 6.53 -15.10
N VAL A 384 7.60 5.29 -14.75
CA VAL A 384 8.51 4.16 -15.05
C VAL A 384 8.92 4.04 -16.50
N HIS A 385 7.94 4.15 -17.41
CA HIS A 385 8.20 4.11 -18.84
C HIS A 385 9.25 5.14 -19.29
N GLU A 386 9.16 6.35 -18.82
CA GLU A 386 10.17 7.39 -19.13
C GLU A 386 11.52 7.15 -18.49
N ILE A 387 11.52 6.56 -17.29
CA ILE A 387 12.79 6.15 -16.66
C ILE A 387 13.48 5.10 -17.48
N VAL A 388 12.73 4.07 -17.93
CA VAL A 388 13.30 3.02 -18.79
C VAL A 388 13.86 3.64 -20.06
N ARG A 389 13.09 4.57 -20.64
CA ARG A 389 13.51 5.25 -21.86
C ARG A 389 14.86 5.96 -21.66
N SER A 390 14.98 6.66 -20.53
CA SER A 390 16.18 7.41 -20.23
C SER A 390 17.38 6.49 -19.99
N PHE A 391 17.20 5.43 -19.21
CA PHE A 391 18.26 4.49 -18.98
C PHE A 391 18.67 3.88 -20.32
N GLY A 392 17.71 3.60 -21.21
CA GLY A 392 17.95 3.01 -22.51
C GLY A 392 18.73 3.92 -23.46
N THR A 393 18.54 5.20 -23.30
CA THR A 393 19.27 6.19 -24.04
C THR A 393 20.76 6.07 -23.68
N LEU A 394 21.07 6.10 -22.39
CA LEU A 394 22.45 5.98 -21.98
C LEU A 394 23.03 4.64 -22.47
N LYS A 395 22.24 3.58 -22.32
CA LYS A 395 22.69 2.28 -22.71
C LYS A 395 23.08 2.20 -24.20
N LYS A 396 22.25 2.77 -25.07
CA LYS A 396 22.61 2.88 -26.51
C LYS A 396 23.85 3.62 -26.83
N GLU A 397 24.30 4.50 -25.94
CA GLU A 397 25.55 5.22 -26.15
C GLU A 397 26.71 4.52 -25.48
N GLY A 398 26.47 3.33 -24.95
CA GLY A 398 27.55 2.47 -24.46
C GLY A 398 27.65 2.43 -22.98
N TRP A 399 26.70 3.02 -22.23
CA TRP A 399 26.80 2.97 -20.80
C TRP A 399 26.02 1.71 -20.28
N ARG A 400 26.48 1.18 -19.17
CA ARG A 400 25.70 0.21 -18.35
C ARG A 400 25.84 0.59 -16.92
N PRO A 401 24.83 0.30 -16.11
CA PRO A 401 24.99 0.51 -14.71
C PRO A 401 25.98 -0.50 -14.14
N ARG A 402 26.55 -0.18 -13.01
CA ARG A 402 27.40 -1.13 -12.30
C ARG A 402 26.62 -2.44 -12.02
N ARG A 403 25.49 -2.33 -11.34
CA ARG A 403 24.63 -3.48 -10.99
C ARG A 403 23.45 -3.62 -11.95
N THR A 404 22.85 -4.79 -11.95
CA THR A 404 21.68 -5.05 -12.79
C THR A 404 20.49 -4.27 -12.26
N ILE A 405 19.73 -3.69 -13.20
CA ILE A 405 18.47 -3.07 -12.93
C ILE A 405 17.37 -3.89 -13.57
N LEU A 406 16.43 -4.27 -12.75
CA LEU A 406 15.19 -4.95 -13.17
C LEU A 406 14.04 -3.96 -13.10
N PHE A 407 13.23 -3.96 -14.16
CA PHE A 407 12.07 -3.08 -14.32
C PHE A 407 10.84 -3.97 -14.41
N ALA A 408 9.80 -3.66 -13.62
CA ALA A 408 8.59 -4.51 -13.59
C ALA A 408 7.31 -3.70 -13.75
N SER A 409 6.41 -4.22 -14.62
CA SER A 409 5.06 -3.75 -14.78
C SER A 409 4.22 -4.89 -14.19
N TRP A 410 3.76 -4.74 -12.95
CA TRP A 410 3.03 -5.81 -12.26
C TRP A 410 1.56 -5.86 -12.68
N ASP A 411 1.01 -7.07 -12.65
CA ASP A 411 -0.39 -7.23 -12.89
C ASP A 411 -1.09 -7.57 -11.61
N ALA A 412 -2.40 -7.39 -11.63
CA ALA A 412 -3.27 -7.70 -10.51
C ALA A 412 -2.92 -7.15 -9.14
N GLU A 413 -2.28 -5.99 -9.08
CA GLU A 413 -2.07 -5.34 -7.83
C GLU A 413 -3.37 -5.07 -7.15
N GLU A 414 -4.39 -4.69 -7.91
CA GLU A 414 -5.66 -4.29 -7.33
C GLU A 414 -6.41 -5.40 -6.66
N PHE A 415 -6.06 -6.64 -6.98
CA PHE A 415 -6.70 -7.78 -6.47
C PHE A 415 -5.89 -8.46 -5.36
N GLY A 416 -4.90 -7.73 -4.81
CA GLY A 416 -4.16 -8.25 -3.64
C GLY A 416 -2.68 -8.37 -3.83
N LEU A 417 -2.08 -7.53 -4.64
CA LEU A 417 -0.67 -7.57 -4.86
C LEU A 417 -0.25 -8.89 -5.46
N LEU A 418 -1.09 -9.40 -6.34
CA LEU A 418 -0.92 -10.76 -6.76
C LEU A 418 0.24 -10.95 -7.75
N GLY A 419 0.39 -10.10 -8.73
CA GLY A 419 1.48 -10.24 -9.69
C GLY A 419 2.87 -10.13 -9.09
N SER A 420 3.12 -9.09 -8.31
CA SER A 420 4.42 -8.95 -7.66
C SER A 420 4.69 -10.13 -6.73
N THR A 421 3.69 -10.52 -5.94
CA THR A 421 3.90 -11.60 -4.98
C THR A 421 4.17 -12.96 -5.64
N GLU A 422 3.41 -13.34 -6.66
CA GLU A 422 3.67 -14.63 -7.39
C GLU A 422 5.08 -14.63 -7.98
N TRP A 423 5.52 -13.54 -8.61
CA TRP A 423 6.84 -13.50 -9.24
C TRP A 423 7.96 -13.57 -8.17
N ALA A 424 7.77 -12.86 -7.07
CA ALA A 424 8.68 -12.95 -5.97
C ALA A 424 8.70 -14.36 -5.39
N GLU A 425 7.53 -15.04 -5.24
CA GLU A 425 7.55 -16.42 -4.77
C GLU A 425 8.32 -17.30 -5.73
N GLU A 426 8.15 -17.07 -7.01
CA GLU A 426 8.84 -17.83 -7.97
C GLU A 426 10.39 -17.66 -7.85
N ASN A 427 10.81 -16.43 -7.68
CA ASN A 427 12.21 -16.02 -7.76
C ASN A 427 12.85 -15.73 -6.40
N SER A 428 12.22 -16.23 -5.32
CA SER A 428 12.59 -15.87 -3.97
C SER A 428 14.08 -16.12 -3.69
N ARG A 429 14.59 -17.25 -4.15
CA ARG A 429 16.02 -17.52 -3.94
C ARG A 429 16.94 -16.50 -4.58
N LEU A 430 16.64 -16.13 -5.81
CA LEU A 430 17.46 -15.11 -6.49
C LEU A 430 17.35 -13.78 -5.75
N LEU A 431 16.15 -13.45 -5.31
CA LEU A 431 15.92 -12.15 -4.70
C LEU A 431 16.58 -12.07 -3.34
N GLN A 432 16.46 -13.15 -2.59
CA GLN A 432 17.08 -13.36 -1.25
CA GLN A 432 17.03 -13.21 -1.21
C GLN A 432 18.60 -13.04 -1.24
N GLU A 433 19.26 -13.65 -2.22
CA GLU A 433 20.70 -13.63 -2.23
C GLU A 433 21.28 -12.50 -3.10
N ARG A 434 20.48 -11.90 -3.98
CA ARG A 434 20.97 -10.90 -4.88
C ARG A 434 20.29 -9.53 -4.83
N GLY A 435 19.22 -9.39 -4.07
CA GLY A 435 18.36 -8.22 -4.11
C GLY A 435 18.93 -7.11 -3.25
N VAL A 436 19.37 -6.07 -3.92
CA VAL A 436 19.86 -4.90 -3.26
C VAL A 436 18.74 -4.01 -2.73
N ALA A 437 17.79 -3.70 -3.61
CA ALA A 437 16.75 -2.75 -3.25
C ALA A 437 15.58 -2.85 -4.19
N TYR A 438 14.42 -2.41 -3.66
CA TYR A 438 13.18 -2.37 -4.45
C TYR A 438 12.63 -0.95 -4.26
N ILE A 439 12.39 -0.27 -5.39
CA ILE A 439 11.76 1.05 -5.46
C ILE A 439 10.37 0.87 -6.12
N ASN A 440 9.33 1.16 -5.34
CA ASN A 440 7.98 1.03 -5.86
C ASN A 440 7.63 2.18 -6.81
N ALA A 441 6.59 1.99 -7.64
CA ALA A 441 6.23 3.05 -8.56
C ALA A 441 4.75 2.97 -8.95
N ASP A 442 3.89 3.06 -7.96
CA ASP A 442 2.51 3.26 -8.22
C ASP A 442 2.34 4.80 -8.40
N SER A 443 1.11 5.28 -8.17
CA SER A 443 0.73 6.64 -8.40
C SER A 443 1.82 7.69 -8.06
N SER A 444 2.16 8.49 -9.07
CA SER A 444 3.19 9.52 -8.88
C SER A 444 2.67 10.75 -8.12
N ILE A 445 1.35 10.93 -8.10
CA ILE A 445 0.70 12.07 -7.43
C ILE A 445 -0.54 11.61 -6.67
N GLU A 446 -0.81 12.21 -5.52
CA GLU A 446 -2.11 12.13 -4.84
C GLU A 446 -2.47 13.55 -4.33
N GLY A 447 -1.72 14.57 -4.80
CA GLY A 447 -1.87 15.94 -4.40
C GLY A 447 -0.80 16.74 -5.19
N ASN A 448 -0.70 18.02 -4.92
CA ASN A 448 0.30 18.86 -5.61
C ASN A 448 1.05 19.78 -4.65
N TYR A 449 1.09 19.39 -3.39
CA TYR A 449 1.66 20.22 -2.33
C TYR A 449 3.16 19.98 -2.07
N THR A 450 3.56 18.75 -1.77
CA THR A 450 5.02 18.49 -1.57
C THR A 450 5.32 17.01 -1.78
N LEU A 451 6.57 16.69 -1.62
CA LEU A 451 7.02 15.31 -1.68
C LEU A 451 6.65 14.48 -0.46
N ARG A 452 6.31 13.23 -0.72
N ARG A 452 6.40 13.21 -0.73
CA ARG A 452 6.14 12.18 0.27
CA ARG A 452 6.19 12.18 0.26
C ARG A 452 7.16 11.06 -0.05
C ARG A 452 7.15 11.03 -0.03
N VAL A 453 7.93 10.60 0.97
CA VAL A 453 8.82 9.43 0.86
C VAL A 453 8.49 8.55 2.06
N ASP A 454 8.29 7.27 1.79
CA ASP A 454 8.20 6.24 2.80
C ASP A 454 9.25 5.19 2.42
N CYS A 455 10.12 4.83 3.36
CA CYS A 455 11.21 3.95 3.06
C CYS A 455 11.89 3.38 4.32
N THR A 456 12.68 2.37 4.07
CA THR A 456 13.56 1.87 5.08
C THR A 456 14.52 2.97 5.53
N PRO A 457 14.85 3.01 6.82
CA PRO A 457 15.93 3.90 7.31
C PRO A 457 17.25 3.78 6.54
N LEU A 458 17.52 2.64 5.91
CA LEU A 458 18.74 2.48 5.13
C LEU A 458 18.82 3.40 3.94
N MET A 459 17.68 3.94 3.52
CA MET A 459 17.65 4.91 2.42
C MET A 459 17.48 6.36 2.80
N TYR A 460 17.44 6.69 4.10
CA TYR A 460 17.23 8.04 4.49
C TYR A 460 18.30 9.00 3.97
N SER A 461 19.56 8.61 4.13
CA SER A 461 20.68 9.46 3.72
C SER A 461 20.71 9.60 2.21
N LEU A 462 20.48 8.53 1.46
CA LEU A 462 20.35 8.58 0.00
C LEU A 462 19.26 9.60 -0.44
N VAL A 463 18.11 9.56 0.22
CA VAL A 463 16.98 10.45 -0.14
C VAL A 463 17.30 11.90 0.19
N HIS A 464 17.89 12.13 1.34
CA HIS A 464 18.27 13.48 1.70
C HIS A 464 19.25 14.03 0.65
N ASN A 465 20.28 13.25 0.32
CA ASN A 465 21.31 13.75 -0.58
C ASN A 465 20.78 13.97 -1.96
N LEU A 466 19.94 13.07 -2.45
CA LEU A 466 19.46 13.20 -3.77
C LEU A 466 18.56 14.41 -3.92
N THR A 467 17.65 14.56 -2.98
CA THR A 467 16.70 15.67 -3.05
C THR A 467 17.37 17.07 -2.93
N LYS A 468 18.50 17.16 -2.25
CA LYS A 468 19.30 18.40 -2.26
C LYS A 468 19.88 18.76 -3.59
N GLU A 469 20.00 17.81 -4.48
CA GLU A 469 20.47 18.03 -5.82
C GLU A 469 19.37 18.22 -6.84
N LEU A 470 18.11 18.07 -6.46
CA LEU A 470 17.04 18.21 -7.41
C LEU A 470 16.39 19.58 -7.22
N LYS A 471 15.80 20.08 -8.29
CA LYS A 471 15.16 21.40 -8.24
C LYS A 471 13.75 21.25 -7.68
N SER A 472 13.29 22.19 -6.85
CA SER A 472 11.92 22.14 -6.39
C SER A 472 11.01 22.55 -7.57
N PRO A 473 9.91 21.82 -7.80
CA PRO A 473 8.95 22.30 -8.78
C PRO A 473 7.89 23.24 -8.21
N ASP A 474 8.01 23.58 -6.93
CA ASP A 474 6.91 24.22 -6.22
C ASP A 474 6.91 25.73 -6.48
N GLU A 475 5.72 26.29 -6.61
CA GLU A 475 5.58 27.74 -6.72
C GLU A 475 6.17 28.39 -5.50
N GLY A 476 6.98 29.40 -5.73
CA GLY A 476 7.62 30.09 -4.62
C GLY A 476 8.92 29.51 -4.15
N PHE A 477 9.33 28.35 -4.67
CA PHE A 477 10.66 27.85 -4.39
C PHE A 477 11.45 27.72 -5.67
N GLU A 478 11.22 28.60 -6.61
CA GLU A 478 11.96 28.59 -7.86
C GLU A 478 13.44 28.81 -7.55
N GLY A 479 14.32 27.98 -8.06
CA GLY A 479 15.74 28.16 -7.76
C GLY A 479 16.17 27.46 -6.46
N LYS A 480 15.23 26.90 -5.69
CA LYS A 480 15.58 26.16 -4.49
C LYS A 480 15.53 24.68 -4.77
N SER A 481 16.11 23.95 -3.85
CA SER A 481 16.22 22.52 -3.98
C SER A 481 14.89 21.89 -3.52
N LEU A 482 14.64 20.70 -4.02
CA LEU A 482 13.49 19.92 -3.56
C LEU A 482 13.60 19.59 -2.06
N TYR A 483 14.81 19.30 -1.59
CA TYR A 483 15.00 19.16 -0.15
C TYR A 483 14.47 20.33 0.64
N GLU A 484 14.80 21.52 0.20
CA GLU A 484 14.41 22.75 0.93
C GLU A 484 12.86 22.95 0.95
N SER A 485 12.22 22.73 -0.18
CA SER A 485 10.77 22.89 -0.20
C SER A 485 10.04 21.79 0.59
N TRP A 486 10.47 20.57 0.38
CA TRP A 486 9.97 19.45 1.10
C TRP A 486 10.17 19.60 2.63
N THR A 487 11.36 20.01 3.07
CA THR A 487 11.61 20.14 4.47
C THR A 487 10.77 21.26 5.09
N LYS A 488 10.67 22.35 4.36
CA LYS A 488 9.85 23.45 4.77
C LYS A 488 8.34 23.07 4.88
N LYS A 489 7.79 22.31 3.94
CA LYS A 489 6.36 21.98 3.96
C LYS A 489 6.01 20.78 4.78
N SER A 490 6.96 19.88 4.96
CA SER A 490 6.71 18.64 5.68
C SER A 490 7.85 18.36 6.67
N PRO A 491 7.98 19.18 7.72
CA PRO A 491 9.13 19.03 8.61
C PRO A 491 9.07 17.77 9.41
N SER A 492 10.20 17.14 9.67
CA SER A 492 10.10 15.98 10.53
C SER A 492 9.70 16.38 11.94
N PRO A 493 8.92 15.55 12.64
CA PRO A 493 8.64 15.81 14.06
C PRO A 493 9.90 15.70 14.96
N GLU A 494 10.89 14.87 14.61
CA GLU A 494 12.12 14.73 15.44
C GLU A 494 13.14 15.85 15.35
N PHE A 495 13.45 16.32 14.13
CA PHE A 495 14.69 17.08 13.88
C PHE A 495 14.47 18.31 13.04
N SER A 496 14.92 19.43 13.55
CA SER A 496 14.75 20.65 12.80
C SER A 496 15.61 20.51 11.59
N GLY A 497 15.09 20.99 10.46
CA GLY A 497 15.89 21.15 9.26
C GLY A 497 15.97 19.85 8.49
N MET A 498 15.20 18.87 8.90
CA MET A 498 15.04 17.63 8.09
C MET A 498 13.57 17.39 7.76
N PRO A 499 13.29 16.67 6.66
CA PRO A 499 11.88 16.43 6.29
C PRO A 499 11.32 15.21 6.91
N ARG A 500 9.99 15.11 6.92
CA ARG A 500 9.37 13.85 7.34
C ARG A 500 9.57 12.72 6.32
N ILE A 501 9.97 11.56 6.78
CA ILE A 501 9.97 10.33 5.99
C ILE A 501 9.24 9.26 6.79
N SER A 502 8.20 8.70 6.24
CA SER A 502 7.39 7.73 7.00
C SER A 502 7.95 6.33 6.87
N LYS A 503 7.53 5.49 7.79
CA LYS A 503 7.75 4.03 7.77
CA LYS A 503 7.87 4.07 7.68
C LYS A 503 6.96 3.49 6.60
N LEU A 504 7.36 2.41 6.01
CA LEU A 504 6.56 1.71 5.03
C LEU A 504 5.41 1.02 5.73
N GLY A 505 4.24 1.16 5.13
CA GLY A 505 3.04 0.41 5.52
C GLY A 505 2.89 -0.75 4.55
N SER A 506 1.66 -1.00 4.07
CA SER A 506 1.46 -1.91 2.99
C SER A 506 0.27 -1.45 2.10
N GLY A 507 -0.32 -2.41 1.37
CA GLY A 507 -1.29 -2.06 0.40
C GLY A 507 -0.65 -1.61 -0.90
N ASN A 508 0.58 -2.07 -1.14
CA ASN A 508 1.22 -1.93 -2.44
C ASN A 508 2.33 -2.96 -2.68
N ASP A 509 2.87 -2.97 -3.87
CA ASP A 509 3.63 -4.08 -4.41
C ASP A 509 5.04 -4.27 -3.79
N PHE A 510 5.49 -3.37 -2.95
CA PHE A 510 6.71 -3.63 -2.17
C PHE A 510 6.53 -4.60 -1.04
N GLU A 511 5.30 -4.97 -0.68
CA GLU A 511 5.05 -5.81 0.50
C GLU A 511 5.89 -7.10 0.49
N VAL A 512 5.86 -7.85 -0.63
CA VAL A 512 6.59 -9.17 -0.63
C VAL A 512 8.11 -8.88 -0.48
N PHE A 513 8.56 -7.86 -1.17
CA PHE A 513 9.97 -7.55 -1.15
C PHE A 513 10.50 -7.14 0.23
N PHE A 514 9.77 -6.29 0.90
CA PHE A 514 10.21 -5.75 2.18
C PHE A 514 9.83 -6.65 3.38
N GLN A 515 8.55 -6.84 3.63
CA GLN A 515 8.10 -7.56 4.79
C GLN A 515 8.23 -9.10 4.68
N ARG A 516 8.17 -9.68 3.48
CA ARG A 516 8.47 -11.09 3.38
C ARG A 516 9.96 -11.37 3.22
N LEU A 517 10.58 -10.78 2.21
CA LEU A 517 11.96 -11.12 1.87
C LEU A 517 13.07 -10.28 2.52
N GLY A 518 12.76 -9.10 3.06
CA GLY A 518 13.77 -8.26 3.71
C GLY A 518 14.75 -7.61 2.76
N ILE A 519 14.20 -7.08 1.67
CA ILE A 519 14.97 -6.31 0.70
C ILE A 519 14.69 -4.86 0.98
N ALA A 520 15.74 -4.07 1.15
CA ALA A 520 15.55 -2.64 1.38
C ALA A 520 14.58 -2.02 0.36
N SER A 521 13.57 -1.28 0.82
CA SER A 521 12.54 -0.80 -0.09
C SER A 521 12.19 0.66 0.22
N GLY A 522 11.68 1.34 -0.83
CA GLY A 522 11.20 2.70 -0.74
C GLY A 522 10.12 3.05 -1.77
N ARG A 523 9.46 4.17 -1.52
CA ARG A 523 8.48 4.76 -2.43
C ARG A 523 8.48 6.30 -2.23
N ALA A 524 8.09 7.00 -3.28
CA ALA A 524 8.01 8.45 -3.30
C ALA A 524 6.91 8.90 -4.28
N ARG A 525 6.21 9.97 -3.91
CA ARG A 525 5.18 10.57 -4.75
C ARG A 525 4.93 11.94 -4.27
N TYR A 526 4.26 12.74 -5.09
CA TYR A 526 3.78 14.03 -4.67
C TYR A 526 2.47 13.84 -3.94
N THR A 527 2.27 14.64 -2.89
CA THR A 527 1.14 14.44 -2.00
C THR A 527 0.50 15.77 -1.65
N LYS A 528 -0.56 15.72 -0.85
CA LYS A 528 -1.31 16.87 -0.41
C LYS A 528 -0.78 17.39 0.95
N ASN A 529 -1.32 18.49 1.42
CA ASN A 529 -1.07 18.96 2.77
C ASN A 529 -1.88 18.14 3.76
N TRP A 530 -1.24 17.40 4.65
CA TRP A 530 -1.99 16.51 5.58
C TRP A 530 -2.34 17.17 6.92
N GLU A 531 -2.24 18.50 7.00
CA GLU A 531 -2.83 19.22 8.11
C GLU A 531 -4.35 19.11 7.92
N THR A 532 -4.77 19.61 6.78
CA THR A 532 -6.16 19.97 6.53
C THR A 532 -7.21 18.82 6.63
N SER A 536 -7.67 9.94 4.87
CA SER A 536 -8.03 9.34 3.61
C SER A 536 -7.29 9.94 2.33
N GLY A 537 -7.39 9.20 1.23
CA GLY A 537 -6.63 9.55 0.03
C GLY A 537 -7.51 10.40 -0.86
N TYR A 538 -7.02 10.65 -2.11
CA TYR A 538 -7.62 11.63 -3.03
C TYR A 538 -9.12 11.27 -3.32
N PRO A 539 -9.98 12.26 -3.59
CA PRO A 539 -11.42 11.91 -3.62
C PRO A 539 -11.81 10.93 -4.67
N LEU A 540 -11.17 10.99 -5.83
CA LEU A 540 -11.58 10.14 -6.96
C LEU A 540 -10.94 8.75 -7.02
N TYR A 541 -10.25 8.39 -5.96
CA TYR A 541 -9.59 7.11 -5.83
C TYR A 541 -10.46 5.93 -6.19
N HIS A 542 -10.03 5.15 -7.19
CA HIS A 542 -10.70 3.88 -7.61
C HIS A 542 -12.13 4.05 -8.18
N SER A 543 -12.39 5.27 -8.65
CA SER A 543 -13.61 5.69 -9.27
C SER A 543 -13.39 5.78 -10.82
N VAL A 544 -14.50 5.69 -11.56
CA VAL A 544 -14.49 5.85 -13.07
C VAL A 544 -13.96 7.25 -13.44
N TYR A 545 -14.03 8.19 -12.50
CA TYR A 545 -13.67 9.61 -12.76
C TYR A 545 -12.18 9.85 -12.71
N GLU A 546 -11.39 8.83 -12.28
CA GLU A 546 -9.95 8.92 -12.30
C GLU A 546 -9.40 8.75 -13.69
N THR A 547 -9.29 9.87 -14.39
CA THR A 547 -9.00 9.90 -15.76
C THR A 547 -7.73 10.67 -16.09
N TYR A 548 -7.31 10.60 -17.36
CA TYR A 548 -6.27 11.52 -17.86
C TYR A 548 -6.65 12.98 -17.61
N GLU A 549 -7.91 13.34 -17.88
CA GLU A 549 -8.32 14.72 -17.74
C GLU A 549 -8.23 15.21 -16.30
N LEU A 550 -8.53 14.33 -15.39
CA LEU A 550 -8.36 14.66 -13.98
C LEU A 550 -6.98 15.17 -13.66
N VAL A 551 -5.96 14.42 -14.14
CA VAL A 551 -4.57 14.73 -13.90
C VAL A 551 -4.15 16.01 -14.63
N GLU A 552 -4.44 16.06 -15.93
CA GLU A 552 -4.03 17.16 -16.79
C GLU A 552 -4.67 18.47 -16.47
N LYS A 553 -5.93 18.40 -16.05
CA LYS A 553 -6.65 19.65 -15.76
C LYS A 553 -6.44 20.12 -14.34
N PHE A 554 -6.44 19.19 -13.37
CA PHE A 554 -6.50 19.56 -11.94
C PHE A 554 -5.25 19.26 -11.13
N TYR A 555 -4.52 18.19 -11.42
CA TYR A 555 -3.40 17.81 -10.55
C TYR A 555 -2.10 18.39 -11.04
N ASP A 556 -1.80 18.28 -12.34
CA ASP A 556 -0.44 18.53 -12.84
C ASP A 556 -0.38 18.88 -14.29
N PRO A 557 -0.94 20.06 -14.64
CA PRO A 557 -1.09 20.44 -16.03
C PRO A 557 0.23 20.54 -16.76
N MET A 558 1.31 20.90 -16.06
CA MET A 558 2.66 21.02 -16.66
CA MET A 558 2.63 21.00 -16.73
C MET A 558 3.46 19.72 -16.54
N PHE A 559 2.89 18.70 -15.88
CA PHE A 559 3.64 17.50 -15.59
C PHE A 559 4.95 17.67 -14.90
N LYS A 560 5.06 18.77 -14.16
CA LYS A 560 6.27 19.02 -13.40
C LYS A 560 6.34 18.20 -12.13
N TYR A 561 5.20 17.90 -11.52
CA TYR A 561 5.27 17.04 -10.35
C TYR A 561 5.63 15.63 -10.75
N HIS A 562 5.07 15.14 -11.85
CA HIS A 562 5.46 13.87 -12.43
C HIS A 562 6.98 13.80 -12.70
N LEU A 563 7.51 14.83 -13.35
CA LEU A 563 8.91 14.88 -13.66
C LEU A 563 9.74 14.84 -12.34
N THR A 564 9.36 15.60 -11.32
CA THR A 564 10.07 15.58 -10.06
C THR A 564 10.05 14.17 -9.46
N VAL A 565 8.91 13.51 -9.52
CA VAL A 565 8.84 12.15 -9.01
C VAL A 565 9.66 11.16 -9.85
N ALA A 566 9.72 11.36 -11.17
CA ALA A 566 10.58 10.54 -11.99
C ALA A 566 12.06 10.73 -11.62
N GLN A 567 12.45 11.96 -11.37
CA GLN A 567 13.80 12.21 -10.94
C GLN A 567 14.12 11.58 -9.58
N VAL A 568 13.19 11.62 -8.64
CA VAL A 568 13.42 11.02 -7.34
C VAL A 568 13.48 9.52 -7.46
N ARG A 569 12.48 8.87 -8.07
CA ARG A 569 12.49 7.42 -8.17
C ARG A 569 13.68 6.93 -9.03
N GLY A 570 13.85 7.58 -10.18
CA GLY A 570 14.94 7.24 -11.13
C GLY A 570 16.34 7.49 -10.54
N GLY A 571 16.47 8.61 -9.84
CA GLY A 571 17.71 8.94 -9.10
C GLY A 571 18.08 7.94 -8.08
N MET A 572 17.09 7.50 -7.29
CA MET A 572 17.30 6.48 -6.30
C MET A 572 17.84 5.21 -6.96
N VAL A 573 17.19 4.76 -8.02
CA VAL A 573 17.58 3.59 -8.72
C VAL A 573 18.97 3.79 -9.25
N PHE A 574 19.29 4.97 -9.81
CA PHE A 574 20.55 5.21 -10.45
C PHE A 574 21.66 5.02 -9.40
N GLU A 575 21.52 5.67 -8.27
CA GLU A 575 22.53 5.61 -7.21
C GLU A 575 22.66 4.20 -6.65
N LEU A 576 21.54 3.52 -6.43
CA LEU A 576 21.59 2.17 -5.94
C LEU A 576 22.31 1.21 -6.89
N ALA A 577 22.06 1.42 -8.17
CA ALA A 577 22.64 0.56 -9.16
C ALA A 577 24.05 0.95 -9.61
N ASN A 578 24.52 2.16 -9.30
CA ASN A 578 25.78 2.63 -9.82
CA ASN A 578 25.81 2.63 -9.80
C ASN A 578 26.83 3.02 -8.78
N SER A 579 26.41 3.32 -7.57
CA SER A 579 27.37 3.75 -6.56
C SER A 579 28.29 2.59 -6.19
N ILE A 580 29.55 2.91 -6.03
CA ILE A 580 30.54 1.83 -5.77
C ILE A 580 30.27 1.16 -4.47
N VAL A 581 30.09 1.98 -3.43
CA VAL A 581 29.63 1.51 -2.10
C VAL A 581 28.11 1.70 -2.09
N LEU A 582 27.36 0.66 -1.80
CA LEU A 582 25.87 0.81 -1.68
C LEU A 582 25.53 2.04 -0.83
N PRO A 583 24.52 2.83 -1.27
CA PRO A 583 24.23 4.06 -0.59
C PRO A 583 23.21 3.87 0.59
N PHE A 584 23.58 3.02 1.54
CA PHE A 584 22.75 2.76 2.75
C PHE A 584 23.59 3.22 3.96
N ASP A 585 22.98 3.85 4.94
CA ASP A 585 23.66 4.23 6.18
C ASP A 585 23.01 3.46 7.31
N CYS A 586 23.69 2.40 7.75
CA CYS A 586 23.25 1.62 8.88
C CYS A 586 23.05 2.41 10.13
N ARG A 587 23.75 3.50 10.33
CA ARG A 587 23.51 4.31 11.55
C ARG A 587 22.07 4.91 11.63
N ASP A 588 21.43 5.14 10.49
CA ASP A 588 20.07 5.61 10.48
C ASP A 588 19.14 4.56 11.06
N TYR A 589 19.44 3.29 10.86
CA TYR A 589 18.65 2.25 11.48
C TYR A 589 18.80 2.27 12.98
N ALA A 590 20.01 2.51 13.47
CA ALA A 590 20.26 2.54 14.90
C ALA A 590 19.42 3.59 15.62
N VAL A 591 19.39 4.75 15.03
CA VAL A 591 18.58 5.84 15.51
C VAL A 591 17.05 5.49 15.56
N VAL A 592 16.49 4.90 14.52
CA VAL A 592 15.05 4.64 14.60
C VAL A 592 14.77 3.49 15.52
N LEU A 593 15.69 2.53 15.58
CA LEU A 593 15.47 1.40 16.48
C LEU A 593 15.33 1.88 17.93
N ARG A 594 16.09 2.89 18.31
CA ARG A 594 15.96 3.45 19.64
C ARG A 594 14.64 4.17 19.86
N LYS A 595 14.21 4.92 18.86
CA LYS A 595 12.93 5.57 18.90
C LYS A 595 11.81 4.50 19.06
N TYR A 596 11.88 3.43 18.27
CA TYR A 596 10.80 2.41 18.37
C TYR A 596 10.79 1.63 19.70
N ALA A 597 11.97 1.39 20.22
CA ALA A 597 12.11 0.73 21.51
C ALA A 597 11.52 1.62 22.59
N ASP A 598 11.85 2.93 22.53
CA ASP A 598 11.21 3.83 23.49
C ASP A 598 9.66 3.82 23.40
N LYS A 599 9.15 3.86 22.19
CA LYS A 599 7.77 3.83 21.97
C LYS A 599 7.10 2.56 22.53
N ILE A 600 7.64 1.40 22.22
CA ILE A 600 7.00 0.18 22.70
C ILE A 600 7.07 0.04 24.23
N TYR A 601 8.23 0.36 24.80
CA TYR A 601 8.36 0.46 26.25
C TYR A 601 7.28 1.36 26.82
N SER A 602 7.06 2.55 26.23
CA SER A 602 6.06 3.49 26.80
C SER A 602 4.68 2.91 26.74
N ILE A 603 4.37 2.13 25.72
CA ILE A 603 3.09 1.41 25.68
C ILE A 603 2.94 0.41 26.83
N SER A 604 3.97 -0.38 27.08
CA SER A 604 3.91 -1.37 28.17
C SER A 604 3.77 -0.71 29.52
N MET A 605 4.46 0.43 29.66
CA MET A 605 4.46 1.22 30.92
C MET A 605 3.14 1.83 31.33
N LYS A 606 2.14 1.74 30.47
CA LYS A 606 0.73 1.98 30.85
C LYS A 606 0.22 0.94 31.86
N HIS A 607 0.95 -0.19 32.04
CA HIS A 607 0.55 -1.31 32.93
C HIS A 607 1.66 -1.65 33.95
N PRO A 608 2.02 -0.66 34.82
CA PRO A 608 3.12 -0.84 35.73
C PRO A 608 2.97 -1.99 36.67
N GLN A 609 1.75 -2.21 37.19
CA GLN A 609 1.52 -3.30 38.13
C GLN A 609 1.78 -4.67 37.46
N GLU A 610 1.30 -4.84 36.21
CA GLU A 610 1.49 -6.11 35.54
C GLU A 610 2.98 -6.30 35.18
N MET A 611 3.64 -5.21 34.82
CA MET A 611 5.04 -5.33 34.56
C MET A 611 5.80 -5.80 35.80
N LYS A 612 5.41 -5.32 36.99
CA LYS A 612 6.04 -5.83 38.22
C LYS A 612 5.71 -7.30 38.49
N THR A 613 4.43 -7.63 38.38
CA THR A 613 3.97 -8.98 38.71
C THR A 613 4.59 -10.00 37.85
N TYR A 614 4.68 -9.71 36.56
CA TYR A 614 5.22 -10.66 35.60
C TYR A 614 6.68 -10.47 35.24
N SER A 615 7.36 -9.55 35.93
CA SER A 615 8.77 -9.32 35.66
C SER A 615 9.05 -9.06 34.24
N VAL A 616 8.31 -8.11 33.68
CA VAL A 616 8.41 -7.72 32.27
C VAL A 616 9.48 -6.62 32.11
N SER A 617 10.62 -7.01 31.53
CA SER A 617 11.74 -6.11 31.33
C SER A 617 12.02 -5.88 29.85
N PHE A 618 12.21 -4.63 29.47
CA PHE A 618 12.74 -4.28 28.15
C PHE A 618 14.27 -4.14 28.12
N ASP A 619 14.95 -4.53 29.18
CA ASP A 619 16.42 -4.37 29.22
C ASP A 619 17.17 -4.98 28.06
N SER A 620 16.78 -6.16 27.71
CA SER A 620 17.43 -6.86 26.58
C SER A 620 17.27 -6.15 25.27
N LEU A 621 16.09 -5.59 25.00
CA LEU A 621 15.86 -4.89 23.76
C LEU A 621 16.70 -3.61 23.71
N PHE A 622 16.72 -2.88 24.82
CA PHE A 622 17.52 -1.66 24.87
C PHE A 622 19.00 -2.02 24.72
N SER A 623 19.41 -3.12 25.33
CA SER A 623 20.81 -3.55 25.24
C SER A 623 21.19 -3.87 23.77
N ALA A 624 20.33 -4.59 23.08
CA ALA A 624 20.55 -4.94 21.68
C ALA A 624 20.63 -3.68 20.79
N VAL A 625 19.75 -2.72 21.06
CA VAL A 625 19.73 -1.43 20.33
C VAL A 625 21.04 -0.67 20.56
N LYS A 626 21.45 -0.63 21.82
CA LYS A 626 22.74 -0.04 22.19
C LYS A 626 23.89 -0.71 21.44
N ASN A 627 23.89 -2.04 21.41
CA ASN A 627 24.90 -2.74 20.70
C ASN A 627 24.86 -2.48 19.19
N PHE A 628 23.65 -2.46 18.62
CA PHE A 628 23.52 -2.19 17.22
C PHE A 628 24.12 -0.81 16.93
N THR A 629 23.84 0.17 17.80
CA THR A 629 24.36 1.55 17.62
C THR A 629 25.88 1.59 17.58
N GLU A 630 26.52 0.88 18.53
CA GLU A 630 27.99 0.85 18.63
C GLU A 630 28.59 0.13 17.44
N ILE A 631 28.04 -1.04 17.11
CA ILE A 631 28.58 -1.85 16.01
C ILE A 631 28.40 -1.12 14.66
N ALA A 632 27.25 -0.52 14.48
CA ALA A 632 27.01 0.29 13.28
C ALA A 632 27.98 1.41 13.12
N SER A 633 28.26 2.08 14.22
CA SER A 633 29.17 3.18 14.14
C SER A 633 30.59 2.65 13.78
N LYS A 634 31.00 1.55 14.32
CA LYS A 634 32.31 1.01 13.97
C LYS A 634 32.37 0.54 12.52
N PHE A 635 31.28 -0.07 12.05
CA PHE A 635 31.21 -0.46 10.65
C PHE A 635 31.33 0.73 9.71
N SER A 636 30.65 1.81 10.05
CA SER A 636 30.73 3.00 9.21
C SER A 636 32.16 3.52 9.10
N GLU A 637 32.90 3.48 10.19
CA GLU A 637 34.31 3.96 10.15
C GLU A 637 35.11 3.07 9.21
N ARG A 638 34.92 1.73 9.29
CA ARG A 638 35.62 0.83 8.37
C ARG A 638 35.21 1.06 6.94
N LEU A 639 33.93 1.37 6.72
CA LEU A 639 33.47 1.60 5.37
C LEU A 639 34.09 2.86 4.80
N GLN A 640 34.40 3.79 5.68
CA GLN A 640 35.04 5.01 5.23
C GLN A 640 36.51 4.89 5.03
N ASP A 641 37.15 4.08 5.85
CA ASP A 641 38.60 3.96 5.99
C ASP A 641 39.22 2.70 5.32
N PHE A 642 38.49 1.87 4.59
CA PHE A 642 39.05 0.58 4.06
C PHE A 642 39.76 0.78 2.78
N ASN A 646 40.81 -2.60 -3.78
CA ASN A 646 40.38 -4.07 -3.29
C ASN A 646 38.95 -4.59 -3.48
N PRO A 647 38.65 -5.26 -4.62
CA PRO A 647 37.25 -5.45 -4.87
C PRO A 647 36.54 -6.48 -3.95
N ILE A 648 37.32 -7.42 -3.38
CA ILE A 648 36.77 -8.40 -2.49
C ILE A 648 36.41 -7.76 -1.20
N VAL A 649 37.25 -6.88 -0.69
CA VAL A 649 36.94 -6.18 0.55
C VAL A 649 35.63 -5.32 0.26
N LEU A 650 35.58 -4.77 -0.95
CA LEU A 650 34.46 -3.88 -1.28
C LEU A 650 33.17 -4.73 -1.37
N ARG A 651 33.26 -5.84 -2.06
CA ARG A 651 32.12 -6.74 -2.17
C ARG A 651 31.67 -7.26 -0.79
N MET A 652 32.61 -7.55 0.11
CA MET A 652 32.29 -8.01 1.51
CA MET A 652 32.23 -8.07 1.41
C MET A 652 31.48 -6.98 2.19
N MET A 653 31.96 -5.72 2.16
CA MET A 653 31.22 -4.66 2.84
C MET A 653 29.86 -4.34 2.14
N ASN A 654 29.80 -4.38 0.83
CA ASN A 654 28.52 -4.19 0.15
C ASN A 654 27.57 -5.34 0.51
N ASP A 655 28.09 -6.54 0.63
CA ASP A 655 27.25 -7.68 1.05
C ASP A 655 26.72 -7.47 2.49
N GLN A 656 27.53 -6.90 3.38
CA GLN A 656 27.07 -6.60 4.71
C GLN A 656 26.00 -5.54 4.66
N LEU A 657 26.19 -4.52 3.81
CA LEU A 657 25.11 -3.54 3.64
C LEU A 657 23.80 -4.13 3.07
N MET A 658 23.97 -4.92 2.02
CA MET A 658 22.81 -5.55 1.37
C MET A 658 22.03 -6.51 2.28
N PHE A 659 22.78 -7.33 3.03
CA PHE A 659 22.17 -8.33 3.95
C PHE A 659 21.70 -7.75 5.27
N LEU A 660 21.88 -6.43 5.48
CA LEU A 660 21.46 -5.86 6.76
C LEU A 660 19.93 -5.82 6.88
N GLU A 661 19.24 -5.31 5.85
CA GLU A 661 17.77 -5.41 5.87
C GLU A 661 17.33 -6.86 6.01
N ARG A 662 18.05 -7.74 5.37
CA ARG A 662 17.74 -9.15 5.37
C ARG A 662 17.78 -9.75 6.77
N ALA A 663 18.69 -9.24 7.60
CA ALA A 663 18.87 -9.74 8.90
C ALA A 663 17.71 -9.54 9.81
N PHE A 664 16.79 -8.62 9.49
CA PHE A 664 15.61 -8.43 10.34
C PHE A 664 14.50 -9.40 10.08
N ILE A 665 14.66 -10.26 9.09
CA ILE A 665 13.73 -11.35 8.81
C ILE A 665 13.86 -12.51 9.80
N ASP A 666 12.71 -12.93 10.31
CA ASP A 666 12.57 -14.15 11.13
C ASP A 666 11.89 -15.17 10.26
N PRO A 667 12.55 -16.30 9.97
CA PRO A 667 11.98 -17.29 9.11
C PRO A 667 10.74 -17.95 9.70
N LEU A 668 10.45 -17.76 10.98
CA LEU A 668 9.21 -18.34 11.55
C LEU A 668 8.03 -17.37 11.38
N GLY A 669 8.32 -16.16 10.92
CA GLY A 669 7.26 -15.16 10.69
C GLY A 669 6.73 -14.58 12.01
N LEU A 670 5.74 -13.71 11.92
CA LEU A 670 5.01 -13.19 13.06
C LEU A 670 3.84 -14.04 13.41
N PRO A 671 3.31 -13.95 14.67
CA PRO A 671 2.25 -14.93 14.97
C PRO A 671 1.03 -14.87 14.06
N ASP A 672 0.66 -16.05 13.55
CA ASP A 672 -0.38 -16.30 12.60
C ASP A 672 -0.27 -15.49 11.34
N ARG A 673 0.88 -14.88 11.05
CA ARG A 673 1.10 -14.20 9.79
C ARG A 673 2.49 -14.57 9.27
N PRO A 674 2.59 -15.76 8.71
CA PRO A 674 3.86 -16.33 8.29
C PRO A 674 4.54 -15.58 7.21
N PHE A 675 3.80 -14.74 6.42
CA PHE A 675 4.42 -13.98 5.36
C PHE A 675 4.87 -12.60 5.74
N TYR A 676 4.61 -12.21 6.98
CA TYR A 676 5.17 -11.01 7.53
C TYR A 676 6.28 -11.46 8.45
N ARG A 677 7.49 -11.37 7.92
CA ARG A 677 8.68 -11.97 8.58
C ARG A 677 9.64 -10.92 9.15
N HIS A 678 9.49 -9.68 8.74
CA HIS A 678 10.35 -8.59 9.21
C HIS A 678 9.95 -8.28 10.66
N VAL A 679 10.93 -8.30 11.57
CA VAL A 679 10.68 -8.10 13.01
C VAL A 679 10.49 -6.65 13.38
N ILE A 680 11.06 -5.74 12.60
CA ILE A 680 10.94 -4.34 12.95
C ILE A 680 9.64 -3.71 12.44
N TYR A 681 9.26 -4.08 11.21
CA TYR A 681 8.09 -3.51 10.47
C TYR A 681 7.12 -4.54 9.93
N ALA A 682 5.85 -4.35 10.26
CA ALA A 682 4.77 -5.12 9.61
C ALA A 682 3.64 -4.15 9.37
N PRO A 683 2.73 -4.50 8.46
CA PRO A 683 1.53 -3.73 8.33
C PRO A 683 0.76 -3.86 9.62
N SER A 684 0.11 -2.78 10.06
CA SER A 684 -0.72 -2.82 11.23
C SER A 684 -1.80 -3.89 11.10
N SER A 685 -1.96 -4.73 12.12
CA SER A 685 -3.01 -5.72 12.14
C SER A 685 -4.43 -5.08 12.09
N HIS A 686 -4.50 -3.78 12.33
CA HIS A 686 -5.79 -3.00 12.30
C HIS A 686 -5.94 -2.15 11.02
N ASN A 687 -4.88 -2.06 10.23
CA ASN A 687 -4.90 -1.18 9.09
C ASN A 687 -3.69 -1.46 8.19
N LYS A 688 -3.92 -2.27 7.18
CA LYS A 688 -2.85 -2.71 6.25
C LYS A 688 -2.12 -1.54 5.60
N TYR A 689 -2.71 -0.36 5.52
CA TYR A 689 -1.97 0.77 4.95
C TYR A 689 -0.91 1.31 5.85
N ALA A 690 -1.09 1.17 7.17
CA ALA A 690 -0.18 1.78 8.16
C ALA A 690 0.94 0.78 8.51
N GLY A 691 2.14 1.26 8.66
CA GLY A 691 3.14 0.40 9.25
C GLY A 691 3.14 0.43 10.78
N GLU A 692 3.53 -0.69 11.39
CA GLU A 692 3.69 -0.73 12.86
C GLU A 692 5.11 -1.16 13.12
N SER A 693 5.74 -0.56 14.13
CA SER A 693 7.08 -0.94 14.53
C SER A 693 7.03 -1.94 15.70
N PHE A 694 8.06 -2.79 15.79
CA PHE A 694 8.07 -3.99 16.71
C PHE A 694 6.65 -4.57 16.81
N PRO A 695 6.09 -4.99 15.66
CA PRO A 695 4.71 -5.46 15.54
C PRO A 695 4.42 -6.63 16.41
N GLY A 696 5.42 -7.48 16.64
CA GLY A 696 5.19 -8.63 17.47
C GLY A 696 4.87 -8.22 18.90
N ILE A 697 5.68 -7.30 19.43
CA ILE A 697 5.42 -6.80 20.78
C ILE A 697 4.13 -5.96 20.80
N TYR A 698 3.96 -5.07 19.81
CA TYR A 698 2.81 -4.18 19.78
C TYR A 698 1.53 -5.04 19.85
N ASP A 699 1.42 -6.05 19.01
CA ASP A 699 0.19 -6.85 19.03
C ASP A 699 0.03 -7.63 20.34
N ALA A 700 1.11 -8.13 20.92
CA ALA A 700 1.02 -8.79 22.22
C ALA A 700 0.52 -7.86 23.34
N LEU A 701 0.84 -6.59 23.23
CA LEU A 701 0.31 -5.56 24.16
C LEU A 701 -1.10 -5.00 23.89
N PHE A 702 -1.53 -5.11 22.65
CA PHE A 702 -2.77 -4.44 22.26
C PHE A 702 -3.95 -4.99 22.98
N ASP A 703 -4.67 -4.08 23.59
CA ASP A 703 -5.91 -4.42 24.32
C ASP A 703 -5.61 -5.51 25.42
N ILE A 704 -4.39 -5.53 26.00
CA ILE A 704 -3.99 -6.67 26.85
C ILE A 704 -4.83 -6.67 28.11
N GLU A 705 -5.29 -5.49 28.55
CA GLU A 705 -6.08 -5.43 29.77
C GLU A 705 -7.42 -6.13 29.63
N SER A 706 -7.83 -6.58 28.44
CA SER A 706 -9.08 -7.33 28.25
C SER A 706 -8.84 -8.80 28.15
N LYS A 707 -7.60 -9.29 28.21
CA LYS A 707 -7.41 -10.71 28.04
C LYS A 707 -7.75 -11.44 29.33
N VAL A 708 -8.26 -12.66 29.21
CA VAL A 708 -8.81 -13.30 30.41
C VAL A 708 -7.73 -13.97 31.23
N ASP A 709 -6.60 -14.33 30.62
CA ASP A 709 -5.48 -14.96 31.35
C ASP A 709 -4.26 -14.03 31.27
N PRO A 710 -4.14 -13.11 32.19
CA PRO A 710 -3.12 -12.10 32.07
C PRO A 710 -1.74 -12.70 32.11
N SER A 711 -1.55 -13.79 32.85
CA SER A 711 -0.26 -14.45 32.89
C SER A 711 0.20 -14.92 31.55
N LYS A 712 -0.72 -15.52 30.83
CA LYS A 712 -0.44 -15.99 29.50
C LYS A 712 -0.14 -14.80 28.59
N ALA A 713 -0.96 -13.77 28.69
CA ALA A 713 -0.83 -12.64 27.76
C ALA A 713 0.54 -11.90 28.03
N TRP A 714 0.91 -11.71 29.30
CA TRP A 714 2.18 -11.04 29.63
C TRP A 714 3.38 -11.92 29.29
N GLY A 715 3.19 -13.21 29.44
CA GLY A 715 4.16 -14.22 28.93
C GLY A 715 4.47 -13.98 27.50
N GLU A 716 3.44 -13.83 26.67
CA GLU A 716 3.64 -13.66 25.24
C GLU A 716 4.33 -12.28 24.95
N VAL A 717 4.01 -11.23 25.73
CA VAL A 717 4.75 -9.94 25.61
C VAL A 717 6.24 -10.22 25.85
N LYS A 718 6.55 -10.96 26.92
CA LYS A 718 7.97 -11.25 27.20
C LYS A 718 8.61 -12.06 26.06
N ARG A 719 7.87 -13.06 25.53
CA ARG A 719 8.40 -13.81 24.41
C ARG A 719 8.75 -12.91 23.22
N GLN A 720 7.90 -11.95 22.92
CA GLN A 720 8.13 -11.08 21.79
C GLN A 720 9.28 -10.11 22.04
N ILE A 721 9.41 -9.66 23.29
CA ILE A 721 10.57 -8.85 23.68
C ILE A 721 11.85 -9.62 23.35
N TYR A 722 11.88 -10.87 23.76
CA TYR A 722 13.02 -11.77 23.49
C TYR A 722 13.30 -11.92 22.01
N VAL A 723 12.27 -12.22 21.24
CA VAL A 723 12.46 -12.31 19.78
C VAL A 723 12.98 -11.03 19.12
N ALA A 724 12.46 -9.90 19.57
CA ALA A 724 12.89 -8.60 19.05
C ALA A 724 14.31 -8.27 19.45
N ALA A 725 14.69 -8.48 20.72
CA ALA A 725 16.04 -8.22 21.18
C ALA A 725 17.08 -9.10 20.45
N PHE A 726 16.75 -10.38 20.36
CA PHE A 726 17.59 -11.32 19.63
C PHE A 726 17.79 -10.89 18.21
N THR A 727 16.70 -10.50 17.54
CA THR A 727 16.80 -10.18 16.09
C THR A 727 17.63 -8.96 15.91
N VAL A 728 17.44 -7.95 16.77
CA VAL A 728 18.27 -6.73 16.68
C VAL A 728 19.70 -7.05 16.90
N GLN A 729 20.01 -7.81 17.97
CA GLN A 729 21.41 -8.19 18.21
C GLN A 729 22.02 -8.97 17.00
N ALA A 730 21.23 -9.90 16.47
CA ALA A 730 21.68 -10.70 15.39
C ALA A 730 21.95 -9.85 14.11
N ALA A 731 21.10 -8.86 13.85
CA ALA A 731 21.35 -7.91 12.74
C ALA A 731 22.59 -7.10 12.97
N ALA A 732 22.77 -6.59 14.19
CA ALA A 732 23.98 -5.88 14.54
C ALA A 732 25.22 -6.73 14.23
N GLU A 733 25.17 -8.00 14.63
CA GLU A 733 26.33 -8.85 14.47
C GLU A 733 26.72 -9.13 13.02
N THR A 734 25.79 -8.93 12.10
CA THR A 734 26.09 -9.04 10.66
C THR A 734 27.04 -7.91 10.20
N LEU A 735 27.09 -6.79 10.94
CA LEU A 735 28.00 -5.68 10.68
C LEU A 735 29.33 -5.74 11.45
N SER A 736 29.53 -6.73 12.32
CA SER A 736 30.82 -6.92 13.01
C SER A 736 31.82 -7.40 11.96
N GLU A 737 33.09 -7.26 12.27
CA GLU A 737 34.13 -7.95 11.45
C GLU A 737 33.75 -9.40 11.25
N VAL A 738 33.94 -9.87 10.05
CA VAL A 738 33.41 -11.17 9.71
C VAL A 738 34.19 -12.35 10.25
N ALA A 739 35.44 -12.13 10.67
CA ALA A 739 36.33 -13.18 11.17
C ALA A 739 37.50 -12.47 11.81
C1 NAG B . -0.27 3.73 -27.35
C2 NAG B . -1.29 3.78 -28.42
C3 NAG B . -1.07 2.62 -29.38
C4 NAG B . 0.30 2.59 -29.99
C5 NAG B . 1.33 2.77 -28.91
C6 NAG B . 2.76 2.87 -29.48
C7 NAG B . -3.43 4.75 -27.88
C8 NAG B . -4.78 4.54 -27.32
N2 NAG B . -2.63 3.67 -27.89
O3 NAG B . -2.05 2.67 -30.38
O4 NAG B . 0.43 1.26 -30.45
O5 NAG B . 1.01 3.79 -27.99
O6 NAG B . 3.15 4.14 -29.91
O7 NAG B . -3.09 5.90 -28.15
C1 NAG B . 0.98 1.23 -31.81
C2 NAG B . 1.56 -0.15 -32.14
C3 NAG B . 1.91 -0.28 -33.65
C4 NAG B . 0.87 0.30 -34.66
C5 NAG B . 0.54 1.70 -34.11
C6 NAG B . -0.47 2.44 -34.98
C7 NAG B . 2.94 -1.12 -30.29
C8 NAG B . 4.35 -1.17 -29.74
N2 NAG B . 2.78 -0.37 -31.39
O3 NAG B . 2.10 -1.66 -33.88
O4 NAG B . 1.28 0.25 -36.05
O5 NAG B . -0.01 1.54 -32.80
O6 NAG B . -1.72 1.79 -34.79
O7 NAG B . 2.01 -1.70 -29.76
C1 NAG C . -24.50 -14.83 -14.14
C2 NAG C . -24.11 -16.27 -14.03
C3 NAG C . -25.00 -17.17 -14.85
C4 NAG C . -26.52 -16.86 -14.76
C5 NAG C . -26.74 -15.33 -14.93
C6 NAG C . -28.19 -14.70 -15.09
C7 NAG C . -21.78 -16.71 -13.75
C8 NAG C . -20.38 -16.73 -14.27
N2 NAG C . -22.78 -16.30 -14.53
O3 NAG C . -24.81 -18.46 -14.38
O4 NAG C . -27.01 -17.68 -15.84
O5 NAG C . -25.88 -14.71 -13.90
O6 NAG C . -29.29 -14.71 -14.16
O7 NAG C . -21.97 -17.09 -12.62
C1 NAG C . -28.07 -18.61 -15.47
C2 NAG C . -28.83 -18.85 -16.79
C3 NAG C . -29.95 -19.86 -16.63
C4 NAG C . -29.45 -21.15 -15.96
C5 NAG C . -28.76 -20.73 -14.62
C6 NAG C . -28.29 -21.91 -13.77
C7 NAG C . -28.93 -17.00 -18.41
C8 NAG C . -29.49 -15.64 -18.76
N2 NAG C . -29.33 -17.55 -17.25
O3 NAG C . -30.44 -20.15 -17.92
O4 NAG C . -30.53 -22.15 -15.97
O5 NAG C . -27.66 -19.81 -14.81
O6 NAG C . -26.96 -22.23 -14.10
O7 NAG C . -28.15 -17.56 -19.17
C1 NAG D . -35.56 -2.38 -7.73
C2 NAG D . -36.90 -1.79 -8.24
C3 NAG D . -37.98 -2.86 -8.19
C4 NAG D . -37.50 -4.16 -8.88
C5 NAG D . -36.00 -4.58 -8.55
C6 NAG D . -35.43 -5.66 -9.49
C7 NAG D . -37.39 0.50 -7.55
C8 NAG D . -37.90 1.42 -6.47
N2 NAG D . -37.37 -0.79 -7.32
O3 NAG D . -39.11 -2.26 -8.83
O4 NAG D . -38.38 -5.23 -8.53
O5 NAG D . -35.16 -3.44 -8.58
O6 NAG D . -35.25 -5.22 -10.80
O7 NAG D . -37.05 0.95 -8.62
C1 NAG D . -38.79 -5.94 -9.72
C2 NAG D . -39.27 -7.28 -9.23
C3 NAG D . -39.81 -8.07 -10.44
C4 NAG D . -40.90 -7.34 -11.22
C5 NAG D . -40.20 -6.02 -11.67
C6 NAG D . -41.10 -5.10 -12.51
C7 NAG D . -37.95 -8.00 -7.25
C8 NAG D . -36.79 -8.81 -6.78
N2 NAG D . -38.18 -7.99 -8.56
O3 NAG D . -40.44 -9.20 -9.96
O4 NAG D . -41.58 -8.18 -12.19
O5 NAG D . -39.78 -5.28 -10.50
O6 NAG D . -41.96 -4.39 -11.64
O7 NAG D . -38.61 -7.40 -6.39
C1 NAG E . 25.24 11.91 1.74
C2 NAG E . 26.04 10.60 1.80
C3 NAG E . 27.07 10.68 2.91
C4 NAG E . 27.96 11.90 2.72
C5 NAG E . 27.00 13.12 2.69
C6 NAG E . 27.70 14.51 2.67
C7 NAG E . 25.09 8.56 1.06
C8 NAG E . 24.19 7.39 1.40
N2 NAG E . 25.21 9.44 1.96
O3 NAG E . 27.87 9.58 2.76
O4 NAG E . 28.70 11.92 3.92
O5 NAG E . 26.19 12.97 1.52
O6 NAG E . 28.52 14.44 1.56
O7 NAG E . 25.67 8.62 0.04
C1 NAG E . 30.09 12.13 3.58
C2 NAG E . 30.81 12.46 4.87
C3 NAG E . 32.32 12.60 4.66
C4 NAG E . 32.83 11.40 3.92
C5 NAG E . 32.01 11.27 2.63
C6 NAG E . 32.55 10.21 1.68
C7 NAG E . 29.44 13.60 6.48
C8 NAG E . 28.93 14.89 7.06
N2 NAG E . 30.26 13.66 5.48
O3 NAG E . 32.91 12.63 5.93
O4 NAG E . 34.15 11.69 3.54
O5 NAG E . 30.66 11.01 2.97
O6 NAG E . 32.73 9.06 2.47
O7 NAG E . 29.03 12.52 6.94
C1 BMA E . 35.20 11.09 4.34
C2 BMA E . 36.35 10.65 3.41
C3 BMA E . 37.31 9.75 4.23
C4 BMA E . 37.70 10.48 5.53
C5 BMA E . 36.51 11.12 6.28
C6 BMA E . 36.93 11.87 7.56
O2 BMA E . 36.97 11.83 2.85
O3 BMA E . 38.45 9.25 3.49
O4 BMA E . 38.25 9.52 6.43
O5 BMA E . 35.73 11.93 5.38
O6 BMA E . 36.11 13.04 7.78
C1 NAG F . 25.17 -6.35 23.95
C2 NAG F . 24.51 -7.71 24.23
C3 NAG F . 25.08 -8.24 25.57
C4 NAG F . 26.65 -8.34 25.55
C5 NAG F . 27.24 -7.02 25.06
C6 NAG F . 28.76 -7.24 24.81
C7 NAG F . 22.33 -8.54 23.69
C8 NAG F . 20.88 -8.29 23.80
N2 NAG F . 23.09 -7.63 24.27
O3 NAG F . 24.51 -9.47 25.91
O4 NAG F . 27.18 -8.52 26.88
O5 NAG F . 26.60 -6.66 23.84
O6 NAG F . 29.56 -6.07 24.94
O7 NAG F . 22.79 -9.48 23.05
C1 NAG F . 27.15 -9.92 27.25
C2 NAG F . 28.45 -10.48 27.83
C3 NAG F . 28.26 -11.88 28.49
C4 NAG F . 26.98 -11.87 29.37
C5 NAG F . 25.84 -11.47 28.39
C6 NAG F . 24.39 -11.60 28.87
C7 NAG F . 30.42 -9.87 26.48
C8 NAG F . 31.19 -10.08 25.19
N2 NAG F . 29.33 -10.62 26.67
O3 NAG F . 29.48 -12.26 29.08
O4 NAG F . 26.68 -13.16 29.86
O5 NAG F . 26.06 -10.11 28.09
O6 NAG F . 24.35 -10.82 30.04
O7 NAG F . 30.71 -9.02 27.34
C1 BMA F . 27.46 -13.61 31.01
C2 BMA F . 26.55 -14.47 31.91
C3 BMA F . 27.31 -15.00 33.12
C4 BMA F . 28.59 -15.68 32.64
C5 BMA F . 29.44 -14.79 31.71
C6 BMA F . 30.62 -15.50 31.10
O2 BMA F . 25.95 -15.53 31.10
O3 BMA F . 26.40 -15.92 33.74
O4 BMA F . 29.32 -16.08 33.74
O5 BMA F . 28.62 -14.35 30.60
O6 BMA F . 31.41 -14.58 30.26
C1 MAN F . 26.37 -15.86 35.19
C2 MAN F . 25.64 -17.10 35.73
C3 MAN F . 24.14 -17.04 35.43
C4 MAN F . 23.46 -15.70 35.81
C5 MAN F . 24.32 -14.55 35.23
C6 MAN F . 23.79 -13.12 35.42
O2 MAN F . 25.79 -16.90 37.09
O3 MAN F . 23.44 -18.06 36.09
O4 MAN F . 22.12 -15.68 35.28
O5 MAN F . 25.66 -14.72 35.68
O6 MAN F . 23.36 -12.82 36.72
ZN ZN G . -2.27 1.24 -7.44
ZN ZN H . -5.35 1.04 -6.39
CL CL I . 4.14 4.13 -4.77
CA CA J . 1.33 -18.14 -4.70
C1 NAG K . -25.61 -11.18 19.90
C2 NAG K . -25.36 -11.90 21.22
C3 NAG K . -25.12 -13.39 20.98
C4 NAG K . -26.36 -14.07 20.38
C5 NAG K . -26.78 -13.31 19.13
C6 NAG K . -28.09 -13.96 18.58
C7 NAG K . -24.68 -10.38 23.06
C8 NAG K . -26.04 -9.75 23.31
N2 NAG K . -24.39 -11.31 22.12
O3 NAG K . -24.90 -13.81 22.28
O4 NAG K . -26.19 -15.46 20.10
O5 NAG K . -26.80 -11.88 19.38
O6 NAG K . -29.25 -13.17 18.58
O7 NAG K . -23.77 -10.01 23.77
C1 NAG L . -3.09 22.44 -6.67
C2 NAG L . -4.29 21.88 -5.91
C3 NAG L . -5.30 22.96 -5.38
C4 NAG L . -4.62 24.08 -4.58
C5 NAG L . -3.43 24.52 -5.44
C6 NAG L . -2.60 25.64 -4.81
C7 NAG L . -5.06 19.59 -6.22
C8 NAG L . -5.76 18.53 -7.02
N2 NAG L . -4.88 20.81 -6.71
O3 NAG L . -6.24 22.52 -4.41
O4 NAG L . -5.55 25.15 -4.21
O5 NAG L . -2.55 23.44 -5.81
O6 NAG L . -2.41 25.39 -3.45
O7 NAG L . -4.74 19.27 -5.09
C34 686 M . 1.27 12.95 9.76
C34 686 M . 1.20 12.99 9.83
C31 686 M . 1.31 11.56 9.85
C31 686 M . 1.18 11.60 9.95
C30 686 M . 1.28 10.76 8.70
C30 686 M . 1.14 10.79 8.80
C33 686 M . 1.19 13.53 8.49
C33 686 M . 1.19 13.55 8.57
C32 686 M . 1.17 12.72 7.34
C32 686 M . 1.14 12.75 7.42
C29 686 M . 1.22 11.33 7.42
C29 686 M . 1.13 11.35 7.52
N5 686 M . 1.15 10.52 6.25
N5 686 M . 1.07 10.54 6.36
C26 686 M . 1.71 9.16 6.25
C26 686 M . 1.62 9.18 6.36
C25 686 M . 1.89 8.56 4.84
C25 686 M . 1.79 8.58 4.95
C28 686 M . 0.41 11.10 5.12
C28 686 M . 0.33 11.12 5.22
C27 686 M . 0.84 10.52 3.77
C27 686 M . 0.79 10.55 3.89
N4 686 M . 0.85 9.07 3.95
N4 686 M . 0.76 9.11 4.07
C24 686 M . -0.09 8.21 3.31
C24 686 M . -2.02 8.90 6.07
C24 686 M . -0.20 8.27 3.44
C22 686 M . -0.22 6.92 3.79
C22 686 M . -3.25 8.26 5.94
C22 686 M . -0.31 6.97 3.92
C21 686 M . -1.13 6.03 3.22
C21 686 M . -3.50 7.49 4.82
C21 686 M . -1.22 6.09 3.37
N3 686 M . -0.86 8.59 2.24
N3 686 M . -1.11 8.73 5.09
N3 686 M . -1.02 8.66 2.41
C23 686 M . -1.74 7.73 1.64
C23 686 M . -1.33 7.99 4.00
C23 686 M . -1.91 7.81 1.84
C20 686 M . -1.90 6.42 2.12
C20 686 M . -2.54 7.33 3.82
C20 686 M . -2.04 6.50 2.31
C 686 M . -2.85 5.42 1.49
C 686 M . -2.87 6.49 2.57
C 686 M . -2.96 5.47 1.74
O 686 M . -2.43 4.42 0.90
O 686 M . -3.88 6.78 1.95
O 686 M . -2.47 4.36 1.48
N 686 M . -4.17 5.59 1.54
N 686 M . -2.11 5.48 2.15
N 686 M . -4.27 5.68 1.48
C1 686 M . -4.82 6.70 2.21
C1 686 M . -0.78 5.26 2.67
C1 686 M . -5.02 6.91 1.74
C2 686 M . -4.51 6.60 3.67
C2 686 M . 0.26 5.83 1.74
C2 686 M . -5.20 7.12 3.24
C7 686 M . -3.62 7.52 4.25
C7 686 M . 1.55 5.37 1.90
C7 686 M . -5.01 8.41 3.74
C6 686 M . -3.33 7.48 5.61
C6 686 M . 2.56 5.85 1.11
C6 686 M . -5.15 8.68 5.09
C5 686 M . -3.92 6.48 6.39
C5 686 M . 2.30 6.78 0.16
C5 686 M . -5.50 7.64 5.96
BR 686 M . -3.51 6.40 8.26
BR 686 M . 3.80 7.32 -0.82
BR 686 M . -5.68 8.05 7.80
C4 686 M . -4.79 5.56 5.81
C4 686 M . 1.01 7.28 -0.01
C4 686 M . -5.70 6.34 5.45
C3 686 M . -5.11 5.63 4.45
C3 686 M . -0.03 6.79 0.78
C3 686 M . -5.56 6.06 4.08
C8 686 M . -5.02 4.58 0.93
C8 686 M . -2.47 4.45 1.16
C8 686 M . -5.04 4.56 0.91
C9 686 M . -5.31 4.99 -0.51
C9 686 M . -3.54 5.01 0.22
C9 686 M . -5.47 4.86 -0.52
C10 686 M . -4.17 4.69 -1.50
C10 686 M . -3.25 4.63 -1.23
C10 686 M . -4.35 4.63 -1.58
C11 686 M . -3.86 3.21 -1.62
C11 686 M . -3.78 3.25 -1.58
C11 686 M . -3.84 3.19 -1.60
C12 686 M . -3.10 2.83 -2.90
C12 686 M . -3.06 2.74 -2.83
C12 686 M . -3.09 2.82 -2.90
C13 686 M . -1.70 3.40 -2.86
C13 686 M . -1.67 3.30 -2.86
C13 686 M . -1.69 3.39 -2.87
O2 686 M . -1.35 4.40 -3.47
O2 686 M . -0.75 2.72 -2.30
O2 686 M . -1.35 4.38 -3.48
O1 686 M . -0.79 2.77 -2.13
O1 686 M . -1.39 4.43 -3.48
O1 686 M . -0.77 2.77 -2.17
N1 686 M . -3.04 1.40 -2.95
N1 686 M . -3.04 1.29 -2.82
N1 686 M . -3.04 1.39 -2.94
C14 686 M . -4.02 0.62 -3.43
C14 686 M . -4.03 0.53 -3.28
C14 686 M . -4.01 0.61 -3.42
O7 686 M . -5.07 1.07 -3.90
O7 686 M . -5.11 0.98 -3.67
O7 686 M . -5.07 1.07 -3.90
N2 686 M . -3.82 -0.69 -3.34
N2 686 M . -3.83 -0.78 -3.25
N2 686 M . -3.82 -0.70 -3.34
C15 686 M . -4.93 -1.59 -3.45
C15 686 M . -4.95 -1.65 -3.43
C15 686 M . -4.93 -1.59 -3.45
C19 686 M . -5.97 -1.15 -2.45
C19 686 M . -6.01 -1.21 -2.46
C19 686 M . -5.97 -1.15 -2.45
O6 686 M . -5.72 -0.54 -1.37
O6 686 M . -5.76 -0.61 -1.39
O6 686 M . -5.72 -0.54 -1.37
O5 686 M . -7.21 -1.47 -2.76
O5 686 M . -7.26 -1.48 -2.77
O5 686 M . -7.21 -1.47 -2.76
C16 686 M . -4.67 -3.06 -3.13
C16 686 M . -4.67 -3.11 -3.11
C16 686 M . -4.67 -3.06 -3.13
C17 686 M . -4.01 -3.21 -1.79
C17 686 M . -4.11 -3.23 -1.72
C17 686 M . -4.01 -3.21 -1.79
C18 686 M . -3.93 -4.65 -1.28
C18 686 M . -3.94 -4.67 -1.29
C18 686 M . -3.93 -4.65 -1.28
O4 686 M . -4.62 -5.59 -1.71
O4 686 M . -4.61 -5.60 -1.74
O4 686 M . -4.62 -5.59 -1.71
O3 686 M . -3.05 -4.90 -0.31
O3 686 M . -3.01 -4.95 -0.36
O3 686 M . -3.05 -4.90 -0.31
#